data_4FJ1
#
_entry.id   4FJ1
#
_cell.length_a   62.370
_cell.length_b   113.890
_cell.length_c   69.400
_cell.angle_alpha   90.00
_cell.angle_beta   102.73
_cell.angle_gamma   90.00
#
_symmetry.space_group_name_H-M   'P 1 21 1'
#
loop_
_entity.id
_entity.type
_entity.pdbx_description
1 polymer '17beta-hydroxysteroid dehydrogenase'
2 non-polymer 'NADP NICOTINAMIDE-ADENINE-DINUCLEOTIDE PHOSPHATE'
3 non-polymer 'DIMETHYL SULFOXIDE'
4 non-polymer GENISTEIN
5 water water
#
_entity_poly.entity_id   1
_entity_poly.type   'polypeptide(L)'
_entity_poly.pdbx_seq_one_letter_code
;MPHVENASETYIPGRLDGKVALVTGSGRGIGAAVAVHLGRLGAKVVVNYANSTKDAEKVVSEIKALGSDAIAIKADIRQV
PEIVKLFDQAVAHFGHLDIAVSNSGVVSFGHLKDVTEEEFDRVFSLNTRGQFFVAREAYRHLTEGGRIVLTSSNTSKDFS
VPKHSLYSGSKGAVDSFVRIFSKDCGDKKITVNAVAPGGTVTDMFHEVSHHYIPNGTSYTAEQRQQMAAHASPLHRNGWP
QDVANVVGFLVSKEGEWVNGKVLTLDGGAA
;
_entity_poly.pdbx_strand_id   A,B,C,D
#
loop_
_chem_comp.id
_chem_comp.type
_chem_comp.name
_chem_comp.formula
DMS non-polymer 'DIMETHYL SULFOXIDE' 'C2 H6 O S'
GEN non-polymer GENISTEIN 'C15 H10 O5'
NAP non-polymer 'NADP NICOTINAMIDE-ADENINE-DINUCLEOTIDE PHOSPHATE' 'C21 H28 N7 O17 P3'
#
# COMPACT_ATOMS: atom_id res chain seq x y z
N THR A 10 4.49 2.58 40.65
CA THR A 10 5.11 2.55 39.30
C THR A 10 4.04 2.33 38.22
N TYR A 11 4.28 2.88 37.03
CA TYR A 11 3.29 2.89 35.93
C TYR A 11 3.08 1.52 35.23
N ILE A 12 1.83 1.16 35.07
CA ILE A 12 1.44 -0.10 34.46
C ILE A 12 0.62 0.20 33.19
N PRO A 13 1.20 -0.07 32.00
CA PRO A 13 0.52 0.31 30.75
C PRO A 13 -0.58 -0.63 30.31
N GLY A 14 -1.59 -0.04 29.69
CA GLY A 14 -2.45 -0.81 28.84
C GLY A 14 -3.44 -1.71 29.51
N ARG A 15 -3.91 -1.36 30.70
CA ARG A 15 -4.90 -2.18 31.40
C ARG A 15 -6.33 -1.79 31.07
N LEU A 16 -7.27 -2.67 31.39
CA LEU A 16 -8.67 -2.54 30.97
C LEU A 16 -9.63 -2.73 32.14
N ASP A 17 -9.19 -2.39 33.34
CA ASP A 17 -10.01 -2.58 34.53
C ASP A 17 -11.30 -1.76 34.42
N GLY A 18 -12.44 -2.37 34.72
CA GLY A 18 -13.74 -1.72 34.61
C GLY A 18 -14.38 -1.87 33.23
N LYS A 19 -13.61 -2.34 32.24
CA LYS A 19 -14.11 -2.47 30.88
C LYS A 19 -14.75 -3.82 30.62
N VAL A 20 -15.64 -3.84 29.64
CA VAL A 20 -16.32 -5.07 29.21
C VAL A 20 -15.99 -5.28 27.75
N ALA A 21 -15.56 -6.49 27.41
CA ALA A 21 -15.13 -6.85 26.06
C ALA A 21 -15.94 -8.03 25.54
N LEU A 22 -16.09 -8.11 24.23
CA LEU A 22 -16.71 -9.25 23.56
C LEU A 22 -15.78 -9.70 22.45
N VAL A 23 -15.55 -11.00 22.36
CA VAL A 23 -14.69 -11.57 21.31
C VAL A 23 -15.42 -12.70 20.59
N THR A 24 -15.60 -12.57 19.27
CA THR A 24 -16.29 -13.61 18.51
C THR A 24 -15.35 -14.79 18.24
N GLY A 25 -15.88 -16.01 18.35
CA GLY A 25 -15.07 -17.22 18.13
C GLY A 25 -13.91 -17.38 19.07
N SER A 26 -14.17 -17.16 20.35
CA SER A 26 -13.10 -17.13 21.35
C SER A 26 -13.12 -18.38 22.21
N GLY A 27 -13.73 -19.44 21.72
CA GLY A 27 -13.59 -20.76 22.35
C GLY A 27 -12.24 -21.38 22.11
N ARG A 28 -11.60 -21.04 20.99
CA ARG A 28 -10.30 -21.63 20.63
C ARG A 28 -9.50 -20.74 19.66
N GLY A 29 -8.26 -21.13 19.40
CA GLY A 29 -7.38 -20.43 18.50
C GLY A 29 -7.06 -19.02 18.97
N ILE A 30 -6.92 -18.13 18.01
CA ILE A 30 -6.54 -16.76 18.29
C ILE A 30 -7.56 -16.10 19.22
N GLY A 31 -8.85 -16.34 18.95
CA GLY A 31 -9.94 -15.77 19.74
C GLY A 31 -9.82 -16.10 21.20
N ALA A 32 -9.47 -17.35 21.49
CA ALA A 32 -9.29 -17.81 22.87
C ALA A 32 -8.20 -17.01 23.59
N ALA A 33 -7.05 -16.85 22.94
CA ALA A 33 -5.93 -16.12 23.54
C ALA A 33 -6.29 -14.64 23.72
N VAL A 34 -7.02 -14.06 22.75
CA VAL A 34 -7.46 -12.68 22.88
C VAL A 34 -8.37 -12.53 24.10
N ALA A 35 -9.39 -13.38 24.20
CA ALA A 35 -10.34 -13.31 25.32
C ALA A 35 -9.65 -13.43 26.68
N VAL A 36 -8.78 -14.43 26.83
CA VAL A 36 -8.04 -14.60 28.08
C VAL A 36 -7.17 -13.41 28.41
N HIS A 37 -6.52 -12.88 27.37
CA HIS A 37 -5.63 -11.75 27.55
C HIS A 37 -6.36 -10.48 27.95
N LEU A 38 -7.52 -10.23 27.36
CA LEU A 38 -8.29 -9.06 27.74
C LEU A 38 -8.72 -9.18 29.20
N GLY A 39 -9.07 -10.40 29.61
CA GLY A 39 -9.36 -10.70 31.00
C GLY A 39 -8.16 -10.48 31.90
N ARG A 40 -6.98 -10.88 31.44
CA ARG A 40 -5.75 -10.66 32.21
C ARG A 40 -5.48 -9.17 32.38
N LEU A 41 -5.86 -8.37 31.38
CA LEU A 41 -5.71 -6.91 31.44
C LEU A 41 -6.80 -6.24 32.30
N GLY A 42 -7.79 -7.01 32.74
CA GLY A 42 -8.77 -6.53 33.71
C GLY A 42 -10.19 -6.42 33.17
N ALA A 43 -10.40 -6.73 31.89
CA ALA A 43 -11.72 -6.65 31.29
C ALA A 43 -12.59 -7.82 31.72
N LYS A 44 -13.89 -7.58 31.83
CA LYS A 44 -14.87 -8.67 31.87
C LYS A 44 -15.12 -9.07 30.41
N VAL A 45 -15.30 -10.36 30.14
CA VAL A 45 -15.30 -10.85 28.75
C VAL A 45 -16.53 -11.68 28.39
N VAL A 46 -17.14 -11.36 27.25
CA VAL A 46 -18.17 -12.21 26.65
C VAL A 46 -17.46 -13.11 25.63
N VAL A 47 -17.49 -14.40 25.90
CA VAL A 47 -16.83 -15.38 25.09
C VAL A 47 -17.86 -16.00 24.15
N ASN A 48 -17.84 -15.57 22.89
CA ASN A 48 -18.75 -16.12 21.90
C ASN A 48 -18.14 -17.35 21.22
N TYR A 49 -19.01 -18.32 20.94
CA TYR A 49 -18.65 -19.52 20.22
C TYR A 49 -19.83 -19.93 19.36
N ALA A 50 -19.59 -20.83 18.41
CA ALA A 50 -20.67 -21.41 17.56
C ALA A 50 -20.85 -22.90 17.76
N ASN A 51 -19.74 -23.62 17.99
CA ASN A 51 -19.72 -25.09 18.14
C ASN A 51 -18.92 -25.57 19.34
N SER A 52 -17.85 -24.87 19.68
CA SER A 52 -16.90 -25.33 20.70
C SER A 52 -17.34 -24.98 22.13
N THR A 53 -18.42 -25.62 22.59
CA THR A 53 -18.99 -25.36 23.91
C THR A 53 -17.97 -25.58 25.05
N LYS A 54 -17.35 -26.76 25.10
CA LYS A 54 -16.45 -27.08 26.20
C LYS A 54 -15.25 -26.16 26.24
N ASP A 55 -14.68 -25.88 25.07
CA ASP A 55 -13.55 -24.95 24.97
C ASP A 55 -13.93 -23.54 25.43
N ALA A 56 -15.10 -23.06 25.03
CA ALA A 56 -15.60 -21.76 25.51
C ALA A 56 -15.69 -21.73 27.03
N GLU A 57 -16.17 -22.82 27.64
CA GLU A 57 -16.26 -22.85 29.10
C GLU A 57 -14.88 -22.86 29.77
N LYS A 58 -13.92 -23.55 29.17
CA LYS A 58 -12.52 -23.49 29.64
C LYS A 58 -11.99 -22.04 29.61
N VAL A 59 -12.25 -21.31 28.53
CA VAL A 59 -11.81 -19.92 28.43
C VAL A 59 -12.47 -19.06 29.51
N VAL A 60 -13.79 -19.20 29.66
CA VAL A 60 -14.54 -18.53 30.74
C VAL A 60 -13.87 -18.78 32.09
N SER A 61 -13.62 -20.06 32.38
CA SER A 61 -13.00 -20.46 33.64
C SER A 61 -11.62 -19.83 33.86
N GLU A 62 -10.84 -19.76 32.80
CA GLU A 62 -9.50 -19.20 32.85
C GLU A 62 -9.57 -17.70 33.17
N ILE A 63 -10.54 -17.00 32.59
CA ILE A 63 -10.73 -15.58 32.85
C ILE A 63 -11.17 -15.33 34.30
N LYS A 64 -12.07 -16.16 34.80
CA LYS A 64 -12.42 -16.11 36.23
C LYS A 64 -11.20 -16.38 37.14
N ALA A 65 -10.33 -17.30 36.70
CA ALA A 65 -9.13 -17.68 37.47
C ALA A 65 -8.15 -16.50 37.58
N LEU A 66 -8.03 -15.75 36.50
CA LEU A 66 -7.26 -14.49 36.49
C LEU A 66 -7.83 -13.36 37.36
N GLY A 67 -9.02 -13.58 37.91
CA GLY A 67 -9.63 -12.63 38.83
C GLY A 67 -10.63 -11.71 38.17
N SER A 68 -11.07 -12.06 36.97
CA SER A 68 -12.03 -11.24 36.26
C SER A 68 -13.33 -12.03 36.13
N ASP A 69 -14.25 -11.57 35.28
CA ASP A 69 -15.50 -12.29 35.07
C ASP A 69 -15.75 -12.53 33.60
N ALA A 70 -16.47 -13.58 33.27
CA ALA A 70 -16.76 -13.91 31.87
C ALA A 70 -18.01 -14.77 31.75
N ILE A 71 -18.60 -14.75 30.56
CA ILE A 71 -19.74 -15.58 30.24
C ILE A 71 -19.59 -16.07 28.79
N ALA A 72 -20.00 -17.31 28.54
CA ALA A 72 -19.98 -17.87 27.20
C ALA A 72 -21.35 -17.68 26.58
N ILE A 73 -21.42 -17.17 25.35
CA ILE A 73 -22.69 -17.03 24.63
C ILE A 73 -22.57 -17.60 23.22
N LYS A 74 -23.39 -18.59 22.94
CA LYS A 74 -23.48 -19.20 21.62
C LYS A 74 -24.17 -18.28 20.62
N ALA A 75 -23.52 -18.03 19.49
CA ALA A 75 -24.13 -17.33 18.37
C ALA A 75 -23.43 -17.67 17.07
N ASP A 76 -24.21 -18.00 16.05
CA ASP A 76 -23.68 -18.24 14.71
C ASP A 76 -23.51 -16.88 14.02
N ILE A 77 -22.26 -16.45 13.85
CA ILE A 77 -21.97 -15.11 13.33
C ILE A 77 -22.32 -14.94 11.85
N ARG A 78 -22.64 -16.04 11.15
CA ARG A 78 -23.22 -15.93 9.80
C ARG A 78 -24.65 -15.37 9.81
N GLN A 79 -25.34 -15.51 10.94
CA GLN A 79 -26.71 -15.05 11.08
C GLN A 79 -26.75 -13.69 11.76
N VAL A 80 -27.04 -12.65 10.99
CA VAL A 80 -27.09 -11.30 11.54
C VAL A 80 -28.07 -11.19 12.74
N PRO A 81 -29.26 -11.81 12.66
CA PRO A 81 -30.14 -11.74 13.84
C PRO A 81 -29.50 -12.31 15.12
N GLU A 82 -28.62 -13.30 14.98
CA GLU A 82 -27.92 -13.87 16.13
C GLU A 82 -26.80 -12.94 16.62
N ILE A 83 -26.21 -12.16 15.71
CA ILE A 83 -25.26 -11.14 16.12
C ILE A 83 -25.98 -10.10 17.00
N VAL A 84 -27.15 -9.67 16.56
CA VAL A 84 -27.95 -8.67 17.29
C VAL A 84 -28.25 -9.18 18.70
N LYS A 85 -28.79 -10.39 18.80
CA LYS A 85 -29.06 -11.01 20.10
C LYS A 85 -27.81 -11.14 20.96
N LEU A 86 -26.69 -11.51 20.34
CA LEU A 86 -25.44 -11.67 21.07
C LEU A 86 -25.10 -10.37 21.81
N PHE A 87 -25.11 -9.27 21.07
CA PHE A 87 -24.77 -7.98 21.66
C PHE A 87 -25.83 -7.50 22.65
N ASP A 88 -27.10 -7.76 22.38
CA ASP A 88 -28.15 -7.44 23.36
C ASP A 88 -27.92 -8.19 24.68
N GLN A 89 -27.57 -9.47 24.58
CA GLN A 89 -27.36 -10.30 25.77
C GLN A 89 -26.10 -9.89 26.52
N ALA A 90 -25.10 -9.45 25.77
CA ALA A 90 -23.83 -8.97 26.34
C ALA A 90 -24.09 -7.77 27.24
N VAL A 91 -24.80 -6.79 26.70
CA VAL A 91 -25.14 -5.56 27.44
C VAL A 91 -26.10 -5.85 28.61
N ALA A 92 -27.10 -6.72 28.38
CA ALA A 92 -28.02 -7.12 29.47
C ALA A 92 -27.27 -7.75 30.66
N HIS A 93 -26.27 -8.58 30.38
CA HIS A 93 -25.55 -9.28 31.45
C HIS A 93 -24.60 -8.41 32.20
N PHE A 94 -23.76 -7.67 31.49
CA PHE A 94 -22.71 -6.86 32.15
C PHE A 94 -23.05 -5.38 32.31
N GLY A 95 -24.15 -4.91 31.73
CA GLY A 95 -24.58 -3.52 31.88
C GLY A 95 -24.11 -2.59 30.78
N HIS A 96 -22.94 -2.86 30.20
CA HIS A 96 -22.42 -2.07 29.10
C HIS A 96 -21.38 -2.87 28.37
N LEU A 97 -20.99 -2.39 27.20
CA LEU A 97 -19.95 -3.02 26.40
C LEU A 97 -19.04 -1.93 25.85
N ASP A 98 -17.73 -2.13 26.04
CA ASP A 98 -16.71 -1.14 25.65
C ASP A 98 -15.85 -1.57 24.47
N ILE A 99 -15.64 -2.88 24.34
CA ILE A 99 -14.67 -3.44 23.39
C ILE A 99 -15.31 -4.63 22.65
N ALA A 100 -15.20 -4.61 21.32
CA ALA A 100 -15.69 -5.70 20.48
C ALA A 100 -14.56 -6.15 19.56
N VAL A 101 -14.16 -7.41 19.70
CA VAL A 101 -13.17 -8.00 18.82
C VAL A 101 -13.84 -9.03 17.92
N SER A 102 -13.79 -8.78 16.61
CA SER A 102 -14.35 -9.68 15.61
C SER A 102 -13.24 -10.56 15.09
N ASN A 103 -13.31 -11.85 15.45
CA ASN A 103 -12.21 -12.82 15.21
C ASN A 103 -12.65 -14.06 14.39
N SER A 104 -13.91 -14.45 14.49
CA SER A 104 -14.39 -15.67 13.80
C SER A 104 -14.09 -15.63 12.30
N GLY A 105 -13.57 -16.74 11.79
CA GLY A 105 -13.28 -16.87 10.37
C GLY A 105 -12.98 -18.30 9.94
N VAL A 106 -13.08 -18.53 8.63
CA VAL A 106 -12.73 -19.81 8.01
C VAL A 106 -11.78 -19.57 6.84
N VAL A 107 -10.96 -20.56 6.57
CA VAL A 107 -9.97 -20.48 5.51
C VAL A 107 -10.45 -21.34 4.35
N SER A 108 -9.96 -21.05 3.16
CA SER A 108 -10.34 -21.81 1.97
C SER A 108 -9.18 -21.82 0.99
N PHE A 109 -9.07 -22.89 0.22
CA PHE A 109 -8.13 -23.02 -0.86
C PHE A 109 -8.79 -23.63 -2.08
N GLY A 110 -8.36 -23.18 -3.25
CA GLY A 110 -8.82 -23.73 -4.51
C GLY A 110 -8.42 -22.78 -5.63
N HIS A 111 -8.03 -23.37 -6.76
CA HIS A 111 -7.84 -22.61 -7.98
C HIS A 111 -9.13 -21.94 -8.36
N LEU A 112 -9.02 -20.70 -8.84
CA LEU A 112 -10.17 -19.93 -9.33
C LEU A 112 -11.15 -20.76 -10.15
N LYS A 113 -10.62 -21.60 -11.03
CA LYS A 113 -11.45 -22.36 -11.93
C LYS A 113 -12.44 -23.29 -11.22
N ASP A 114 -12.13 -23.67 -9.98
CA ASP A 114 -12.90 -24.68 -9.26
C ASP A 114 -13.73 -24.11 -8.14
N VAL A 115 -13.64 -22.81 -7.89
CA VAL A 115 -14.39 -22.23 -6.77
C VAL A 115 -15.88 -22.17 -7.14
N THR A 116 -16.72 -22.67 -6.24
CA THR A 116 -18.15 -22.75 -6.43
C THR A 116 -18.83 -21.58 -5.74
N GLU A 117 -20.09 -21.36 -6.14
CA GLU A 117 -20.98 -20.41 -5.43
C GLU A 117 -21.03 -20.69 -3.92
N GLU A 118 -21.17 -21.96 -3.59
CA GLU A 118 -21.35 -22.38 -2.20
C GLU A 118 -20.12 -22.06 -1.38
N GLU A 119 -18.94 -22.24 -1.98
CA GLU A 119 -17.70 -21.99 -1.25
C GLU A 119 -17.46 -20.51 -1.07
N PHE A 120 -17.73 -19.73 -2.12
CA PHE A 120 -17.74 -18.28 -1.98
C PHE A 120 -18.63 -17.85 -0.83
N ASP A 121 -19.86 -18.35 -0.79
CA ASP A 121 -20.82 -17.94 0.25
C ASP A 121 -20.40 -18.42 1.66
N ARG A 122 -19.84 -19.62 1.75
CA ARG A 122 -19.38 -20.16 3.04
C ARG A 122 -18.33 -19.26 3.64
N VAL A 123 -17.41 -18.79 2.80
CA VAL A 123 -16.31 -17.96 3.28
C VAL A 123 -16.74 -16.54 3.56
N PHE A 124 -17.37 -15.91 2.57
CA PHE A 124 -17.75 -14.50 2.69
C PHE A 124 -18.83 -14.26 3.77
N SER A 125 -19.75 -15.19 3.93
CA SER A 125 -20.83 -15.04 4.92
C SER A 125 -20.27 -14.84 6.32
N LEU A 126 -19.14 -15.47 6.61
CA LEU A 126 -18.53 -15.34 7.93
C LEU A 126 -17.43 -14.28 7.95
N ASN A 127 -16.44 -14.44 7.06
CA ASN A 127 -15.22 -13.61 7.08
C ASN A 127 -15.46 -12.13 6.79
N THR A 128 -16.51 -11.82 6.02
CA THR A 128 -16.69 -10.45 5.48
C THR A 128 -18.04 -9.89 5.90
N ARG A 129 -19.11 -10.55 5.50
CA ARG A 129 -20.44 -10.14 5.90
C ARG A 129 -20.59 -10.19 7.41
N GLY A 130 -20.23 -11.32 8.00
CA GLY A 130 -20.34 -11.50 9.46
C GLY A 130 -19.56 -10.42 10.21
N GLN A 131 -18.31 -10.20 9.82
CA GLN A 131 -17.50 -9.17 10.43
C GLN A 131 -18.11 -7.78 10.26
N PHE A 132 -18.69 -7.51 9.10
CA PHE A 132 -19.31 -6.21 8.83
C PHE A 132 -20.42 -5.96 9.85
N PHE A 133 -21.27 -6.95 10.07
CA PHE A 133 -22.41 -6.77 10.97
C PHE A 133 -22.08 -6.89 12.46
N VAL A 134 -20.98 -7.57 12.79
CA VAL A 134 -20.43 -7.49 14.16
C VAL A 134 -19.99 -6.06 14.42
N ALA A 135 -19.34 -5.43 13.44
CA ALA A 135 -18.95 -4.04 13.56
C ALA A 135 -20.17 -3.16 13.71
N ARG A 136 -21.20 -3.40 12.90
CA ARG A 136 -22.42 -2.59 12.97
C ARG A 136 -23.03 -2.70 14.35
N GLU A 137 -23.22 -3.93 14.83
CA GLU A 137 -23.83 -4.10 16.16
C GLU A 137 -22.92 -3.58 17.27
N ALA A 138 -21.60 -3.70 17.08
CA ALA A 138 -20.65 -3.12 18.04
C ALA A 138 -20.82 -1.60 18.10
N TYR A 139 -20.87 -0.93 16.95
CA TYR A 139 -21.07 0.52 16.98
C TYR A 139 -22.36 0.89 17.72
N ARG A 140 -23.46 0.19 17.44
CA ARG A 140 -24.75 0.49 18.06
C ARG A 140 -24.77 0.26 19.58
N HIS A 141 -24.01 -0.70 20.07
CA HIS A 141 -24.07 -1.11 21.47
C HIS A 141 -22.98 -0.55 22.32
N LEU A 142 -21.88 -0.14 21.71
CA LEU A 142 -20.71 0.29 22.49
C LEU A 142 -20.89 1.63 23.21
N THR A 143 -20.22 1.74 24.35
CA THR A 143 -20.08 3.02 25.03
C THR A 143 -19.14 3.95 24.25
N GLU A 144 -19.31 5.25 24.45
CA GLU A 144 -18.39 6.23 23.89
C GLU A 144 -16.96 5.99 24.33
N GLY A 145 -16.02 6.16 23.41
CA GLY A 145 -14.61 5.93 23.71
C GLY A 145 -14.23 4.48 23.55
N GLY A 146 -15.11 3.68 22.96
CA GLY A 146 -14.91 2.24 22.81
C GLY A 146 -13.93 1.85 21.72
N ARG A 147 -13.89 0.55 21.45
CA ARG A 147 -12.87 -0.05 20.60
C ARG A 147 -13.47 -1.18 19.80
N ILE A 148 -13.25 -1.17 18.47
CA ILE A 148 -13.63 -2.29 17.60
C ILE A 148 -12.39 -2.75 16.84
N VAL A 149 -12.11 -4.05 16.86
CA VAL A 149 -10.99 -4.63 16.14
C VAL A 149 -11.53 -5.80 15.32
N LEU A 150 -11.27 -5.78 14.01
CA LEU A 150 -11.61 -6.89 13.12
C LEU A 150 -10.34 -7.69 12.78
N THR A 151 -10.53 -8.84 12.14
CA THR A 151 -9.42 -9.72 11.80
C THR A 151 -9.32 -9.89 10.28
N SER A 152 -8.16 -9.50 9.75
CA SER A 152 -7.85 -9.64 8.34
C SER A 152 -6.83 -10.77 8.22
N SER A 153 -5.84 -10.60 7.36
CA SER A 153 -4.84 -11.60 7.10
C SER A 153 -3.68 -10.99 6.33
N ASN A 154 -2.48 -11.52 6.49
CA ASN A 154 -1.36 -11.06 5.67
C ASN A 154 -1.60 -11.37 4.17
N THR A 155 -2.51 -12.28 3.87
CA THR A 155 -2.78 -12.65 2.48
C THR A 155 -3.66 -11.63 1.73
N SER A 156 -4.24 -10.71 2.48
CA SER A 156 -5.02 -9.63 1.94
C SER A 156 -4.18 -8.74 0.99
N LYS A 157 -3.00 -8.34 1.46
CA LYS A 157 -2.11 -7.43 0.74
C LYS A 157 -0.66 -7.88 0.67
N ASP A 158 -0.16 -8.50 1.72
CA ASP A 158 1.30 -8.63 1.90
C ASP A 158 1.87 -9.92 1.40
N PHE A 159 1.04 -10.95 1.28
CA PHE A 159 1.50 -12.31 1.00
C PHE A 159 0.60 -12.87 -0.11
N SER A 160 1.21 -13.41 -1.15
CA SER A 160 0.46 -13.88 -2.33
C SER A 160 0.62 -15.38 -2.50
N VAL A 161 -0.49 -16.10 -2.31
CA VAL A 161 -0.47 -17.55 -2.27
C VAL A 161 -1.37 -18.06 -3.39
N PRO A 162 -0.82 -18.90 -4.29
CA PRO A 162 -1.69 -19.51 -5.28
C PRO A 162 -2.89 -20.21 -4.64
N LYS A 163 -4.02 -20.19 -5.35
CA LYS A 163 -5.21 -20.93 -4.98
C LYS A 163 -5.85 -20.42 -3.69
N HIS A 164 -5.62 -19.14 -3.39
CA HIS A 164 -6.04 -18.53 -2.14
C HIS A 164 -6.81 -17.24 -2.41
N SER A 165 -7.39 -17.13 -3.61
CA SER A 165 -7.98 -15.88 -4.02
C SER A 165 -9.23 -15.55 -3.18
N LEU A 166 -10.08 -16.54 -2.95
CA LEU A 166 -11.35 -16.30 -2.26
C LEU A 166 -11.10 -15.75 -0.87
N TYR A 167 -10.23 -16.43 -0.12
CA TYR A 167 -9.92 -16.02 1.25
C TYR A 167 -9.25 -14.66 1.29
N SER A 168 -8.26 -14.46 0.41
CA SER A 168 -7.50 -13.22 0.34
C SER A 168 -8.47 -12.05 0.14
N GLY A 169 -9.40 -12.21 -0.78
CA GLY A 169 -10.41 -11.18 -1.01
C GLY A 169 -11.35 -10.95 0.15
N SER A 170 -11.71 -12.02 0.85
CA SER A 170 -12.63 -11.91 2.00
C SER A 170 -12.02 -11.01 3.06
N LYS A 171 -10.69 -11.05 3.17
CA LYS A 171 -9.99 -10.20 4.13
C LYS A 171 -9.62 -8.83 3.56
N GLY A 172 -9.44 -8.74 2.25
CA GLY A 172 -9.18 -7.46 1.61
C GLY A 172 -10.35 -6.52 1.82
N ALA A 173 -11.57 -7.03 1.77
CA ALA A 173 -12.74 -6.23 2.07
C ALA A 173 -12.70 -5.66 3.51
N VAL A 174 -12.21 -6.44 4.46
CA VAL A 174 -12.11 -6.01 5.87
C VAL A 174 -11.15 -4.85 6.04
N ASP A 175 -10.01 -4.90 5.35
CA ASP A 175 -9.02 -3.80 5.37
C ASP A 175 -9.66 -2.49 4.98
N SER A 176 -10.43 -2.53 3.90
CA SER A 176 -11.14 -1.35 3.44
C SER A 176 -12.22 -0.94 4.42
N PHE A 177 -13.01 -1.90 4.89
CA PHE A 177 -14.06 -1.63 5.88
C PHE A 177 -13.53 -0.77 7.04
N VAL A 178 -12.40 -1.20 7.64
CA VAL A 178 -11.97 -0.60 8.89
C VAL A 178 -11.53 0.82 8.72
N ARG A 179 -10.91 1.13 7.58
CA ARG A 179 -10.48 2.50 7.29
C ARG A 179 -11.69 3.45 7.25
N ILE A 180 -12.80 3.00 6.66
CA ILE A 180 -13.99 3.84 6.57
C ILE A 180 -14.86 3.75 7.85
N PHE A 181 -14.93 2.56 8.45
CA PHE A 181 -15.61 2.41 9.74
C PHE A 181 -15.08 3.45 10.71
N SER A 182 -13.77 3.68 10.71
CA SER A 182 -13.19 4.61 11.66
C SER A 182 -13.77 6.02 11.48
N LYS A 183 -14.16 6.37 10.26
CA LYS A 183 -14.76 7.67 10.00
C LYS A 183 -16.15 7.74 10.62
N ASP A 184 -16.97 6.73 10.37
CA ASP A 184 -18.34 6.69 10.90
C ASP A 184 -18.36 6.55 12.43
N CYS A 185 -17.52 5.68 12.96
CA CYS A 185 -17.52 5.37 14.40
C CYS A 185 -16.95 6.49 15.27
N GLY A 186 -16.25 7.42 14.64
CA GLY A 186 -15.74 8.59 15.32
C GLY A 186 -16.80 9.47 15.96
N ASP A 187 -18.06 9.38 15.53
CA ASP A 187 -19.08 10.20 16.21
C ASP A 187 -19.45 9.64 17.60
N LYS A 188 -18.95 8.44 17.94
CA LYS A 188 -18.97 7.95 19.31
C LYS A 188 -17.55 7.78 19.89
N LYS A 189 -16.57 8.42 19.25
CA LYS A 189 -15.16 8.29 19.64
C LYS A 189 -14.73 6.83 19.78
N ILE A 190 -15.26 5.98 18.91
CA ILE A 190 -14.86 4.57 18.88
C ILE A 190 -13.80 4.43 17.81
N THR A 191 -12.66 3.81 18.14
CA THR A 191 -11.65 3.52 17.12
C THR A 191 -11.96 2.17 16.54
N VAL A 192 -11.53 1.98 15.30
CA VAL A 192 -11.75 0.75 14.58
C VAL A 192 -10.47 0.41 13.84
N ASN A 193 -9.97 -0.79 14.07
CA ASN A 193 -8.74 -1.26 13.45
C ASN A 193 -8.86 -2.74 13.10
N ALA A 194 -7.85 -3.27 12.42
CA ALA A 194 -7.82 -4.72 12.20
C ALA A 194 -6.42 -5.22 12.43
N VAL A 195 -6.33 -6.46 12.87
CA VAL A 195 -5.07 -7.18 12.89
C VAL A 195 -5.10 -8.19 11.72
N ALA A 196 -3.97 -8.32 11.03
CA ALA A 196 -3.83 -9.17 9.87
C ALA A 196 -2.72 -10.19 10.14
N PRO A 197 -3.04 -11.28 10.82
CA PRO A 197 -1.95 -12.20 11.16
C PRO A 197 -1.39 -12.92 9.93
N GLY A 198 -0.12 -13.29 10.00
CA GLY A 198 0.45 -14.30 9.13
C GLY A 198 0.15 -15.65 9.73
N GLY A 199 0.88 -16.67 9.28
CA GLY A 199 0.74 -18.01 9.81
C GLY A 199 0.92 -18.05 11.32
N THR A 200 -0.17 -18.37 12.01
CA THR A 200 -0.21 -18.39 13.46
C THR A 200 -0.67 -19.79 13.86
N VAL A 201 0.09 -20.50 14.69
CA VAL A 201 -0.18 -21.91 14.99
C VAL A 201 -1.49 -22.08 15.78
N THR A 202 -2.51 -22.54 15.07
CA THR A 202 -3.85 -22.84 15.60
C THR A 202 -4.35 -24.03 14.76
N ASP A 203 -5.60 -24.42 14.92
CA ASP A 203 -6.21 -25.43 14.04
C ASP A 203 -6.21 -24.96 12.57
N MET A 204 -6.45 -23.67 12.34
CA MET A 204 -6.40 -23.12 10.97
C MET A 204 -5.02 -23.23 10.29
N PHE A 205 -3.96 -23.13 11.09
CA PHE A 205 -2.58 -23.27 10.58
C PHE A 205 -2.36 -24.60 9.86
N HIS A 206 -2.87 -25.66 10.44
CA HIS A 206 -2.81 -26.96 9.74
C HIS A 206 -3.49 -27.06 8.39
N GLU A 207 -4.47 -26.20 8.14
CA GLU A 207 -5.11 -26.00 6.83
C GLU A 207 -4.20 -25.26 5.85
N VAL A 208 -3.45 -24.29 6.34
CA VAL A 208 -2.84 -23.34 5.43
C VAL A 208 -1.39 -23.74 5.15
N SER A 209 -0.82 -24.60 6.02
CA SER A 209 0.61 -24.68 6.13
C SER A 209 1.23 -25.22 4.88
N HIS A 210 0.65 -26.26 4.28
CA HIS A 210 1.17 -26.76 3.02
C HIS A 210 0.99 -25.84 1.85
N HIS A 211 0.13 -24.84 1.97
CA HIS A 211 0.09 -23.84 0.91
C HIS A 211 1.02 -22.67 1.12
N TYR A 212 1.40 -22.39 2.36
CA TYR A 212 2.18 -21.19 2.69
C TYR A 212 3.70 -21.42 2.61
N ILE A 213 4.10 -22.66 2.32
CA ILE A 213 5.49 -22.99 2.09
C ILE A 213 5.61 -23.49 0.64
N PRO A 214 6.70 -23.10 -0.04
CA PRO A 214 6.97 -23.70 -1.35
C PRO A 214 7.10 -25.22 -1.22
N ASN A 215 6.48 -25.96 -2.14
CA ASN A 215 6.49 -27.42 -2.12
C ASN A 215 6.01 -27.99 -0.79
N GLY A 216 5.04 -27.29 -0.18
CA GLY A 216 4.58 -27.66 1.15
C GLY A 216 4.12 -29.11 1.30
N THR A 217 3.52 -29.63 0.23
CA THR A 217 3.03 -31.01 0.16
C THR A 217 4.12 -32.08 0.33
N SER A 218 5.36 -31.76 -0.02
CA SER A 218 6.43 -32.76 0.14
C SER A 218 7.04 -32.83 1.57
N TYR A 219 6.56 -32.01 2.51
CA TYR A 219 7.07 -32.02 3.89
C TYR A 219 6.06 -32.54 4.91
N THR A 220 6.56 -32.97 6.08
CA THR A 220 5.71 -33.33 7.24
C THR A 220 5.15 -32.06 7.89
N ALA A 221 4.06 -32.21 8.65
CA ALA A 221 3.47 -31.10 9.41
C ALA A 221 4.51 -30.40 10.31
N GLU A 222 5.35 -31.17 10.99
CA GLU A 222 6.38 -30.59 11.88
C GLU A 222 7.35 -29.74 11.07
N GLN A 223 7.86 -30.31 9.97
CA GLN A 223 8.75 -29.59 9.08
C GLN A 223 8.14 -28.30 8.57
N ARG A 224 6.88 -28.35 8.13
CA ARG A 224 6.20 -27.15 7.64
C ARG A 224 6.13 -26.07 8.69
N GLN A 225 5.86 -26.49 9.93
CA GLN A 225 5.80 -25.55 11.03
C GLN A 225 7.19 -24.92 11.23
N GLN A 226 8.23 -25.73 11.12
CA GLN A 226 9.60 -25.23 11.21
C GLN A 226 9.90 -24.26 10.06
N MET A 227 9.49 -24.61 8.85
CA MET A 227 9.71 -23.75 7.69
C MET A 227 8.92 -22.43 7.78
N ALA A 228 7.71 -22.49 8.34
CA ALA A 228 6.95 -21.28 8.58
C ALA A 228 7.67 -20.41 9.59
N ALA A 229 8.32 -21.04 10.56
CA ALA A 229 9.12 -20.33 11.54
C ALA A 229 10.21 -19.52 10.85
N HIS A 230 10.89 -20.13 9.87
CA HIS A 230 12.02 -19.51 9.22
C HIS A 230 11.64 -18.46 8.20
N ALA A 231 10.35 -18.30 7.91
CA ALA A 231 9.88 -17.21 7.06
C ALA A 231 9.92 -15.87 7.82
N SER A 232 9.88 -15.93 9.15
CA SER A 232 10.15 -14.73 9.94
C SER A 232 11.66 -14.61 10.17
N PRO A 233 12.18 -13.40 10.08
CA PRO A 233 13.59 -13.18 10.42
C PRO A 233 13.90 -13.42 11.90
N LEU A 234 12.86 -13.54 12.74
CA LEU A 234 13.05 -13.92 14.13
C LEU A 234 13.15 -15.45 14.31
N HIS A 235 12.95 -16.22 13.24
CA HIS A 235 13.08 -17.67 13.25
C HIS A 235 12.24 -18.34 14.32
N ARG A 236 10.96 -17.97 14.36
CA ARG A 236 9.98 -18.65 15.21
C ARG A 236 8.62 -18.49 14.59
N ASN A 237 7.66 -19.28 15.05
CA ASN A 237 6.28 -19.17 14.55
C ASN A 237 5.55 -18.06 15.22
N GLY A 238 4.51 -17.56 14.56
CA GLY A 238 3.49 -16.75 15.22
C GLY A 238 2.58 -17.64 16.06
N TRP A 239 2.15 -17.12 17.21
CA TRP A 239 1.28 -17.82 18.16
C TRP A 239 0.10 -16.97 18.49
N PRO A 240 -1.01 -17.58 18.93
CA PRO A 240 -2.17 -16.76 19.32
C PRO A 240 -1.82 -15.62 20.27
N GLN A 241 -0.90 -15.85 21.20
CA GLN A 241 -0.52 -14.79 22.16
C GLN A 241 0.05 -13.55 21.46
N ASP A 242 0.73 -13.74 20.33
CA ASP A 242 1.31 -12.62 19.59
C ASP A 242 0.24 -11.66 19.12
N VAL A 243 -0.85 -12.22 18.60
CA VAL A 243 -1.97 -11.44 18.12
C VAL A 243 -2.70 -10.82 19.32
N ALA A 244 -2.90 -11.61 20.39
CA ALA A 244 -3.55 -11.13 21.60
C ALA A 244 -2.83 -9.91 22.18
N ASN A 245 -1.48 -9.96 22.23
CA ASN A 245 -0.69 -8.85 22.74
C ASN A 245 -0.99 -7.52 22.00
N VAL A 246 -1.13 -7.59 20.67
CA VAL A 246 -1.39 -6.41 19.85
C VAL A 246 -2.83 -5.95 19.98
N VAL A 247 -3.79 -6.88 19.96
CA VAL A 247 -5.17 -6.49 20.16
C VAL A 247 -5.31 -5.77 21.52
N GLY A 248 -4.72 -6.34 22.56
CA GLY A 248 -4.70 -5.74 23.90
C GLY A 248 -4.26 -4.30 23.92
N PHE A 249 -3.18 -3.98 23.21
CA PHE A 249 -2.73 -2.60 23.08
C PHE A 249 -3.70 -1.73 22.28
N LEU A 250 -4.22 -2.25 21.18
CA LEU A 250 -5.15 -1.45 20.35
C LEU A 250 -6.41 -1.04 21.12
N VAL A 251 -6.91 -1.96 21.95
CA VAL A 251 -8.16 -1.73 22.70
C VAL A 251 -7.93 -0.96 24.02
N SER A 252 -6.67 -0.72 24.37
CA SER A 252 -6.35 0.06 25.56
C SER A 252 -6.51 1.56 25.28
N LYS A 253 -6.48 2.36 26.34
CA LYS A 253 -6.49 3.79 26.20
C LYS A 253 -5.30 4.24 25.33
N GLU A 254 -4.15 3.65 25.59
CA GLU A 254 -2.90 4.05 24.95
C GLU A 254 -2.82 3.76 23.44
N GLY A 255 -3.72 2.92 22.93
CA GLY A 255 -3.80 2.63 21.51
C GLY A 255 -4.66 3.57 20.69
N GLU A 256 -5.21 4.60 21.32
CA GLU A 256 -6.25 5.40 20.68
C GLU A 256 -5.85 5.99 19.33
N TRP A 257 -4.59 6.40 19.22
CA TRP A 257 -4.16 7.12 18.02
C TRP A 257 -3.85 6.21 16.87
N VAL A 258 -3.89 4.91 17.11
CA VAL A 258 -3.99 3.93 16.03
C VAL A 258 -5.48 3.76 15.77
N ASN A 259 -5.93 4.21 14.60
CA ASN A 259 -7.34 4.23 14.28
C ASN A 259 -7.49 4.15 12.76
N GLY A 260 -8.36 3.27 12.29
CA GLY A 260 -8.57 3.07 10.87
C GLY A 260 -7.46 2.29 10.17
N LYS A 261 -6.65 1.55 10.93
CA LYS A 261 -5.46 0.92 10.38
C LYS A 261 -5.55 -0.59 10.42
N VAL A 262 -4.83 -1.21 9.50
CA VAL A 262 -4.68 -2.65 9.46
C VAL A 262 -3.22 -2.96 9.73
N LEU A 263 -2.98 -3.77 10.76
CA LEU A 263 -1.63 -4.03 11.21
C LEU A 263 -1.28 -5.49 10.93
N THR A 264 -0.32 -5.71 10.03
CA THR A 264 0.07 -7.03 9.69
C THR A 264 0.99 -7.60 10.77
N LEU A 265 0.68 -8.81 11.25
CA LEU A 265 1.41 -9.45 12.37
C LEU A 265 2.02 -10.79 11.94
N ASP A 266 3.22 -10.71 11.41
CA ASP A 266 3.87 -11.87 10.77
C ASP A 266 5.31 -11.96 11.17
N GLY A 267 5.68 -11.28 12.26
CA GLY A 267 7.05 -11.32 12.77
C GLY A 267 8.10 -10.82 11.81
N GLY A 268 7.68 -9.99 10.85
CA GLY A 268 8.62 -9.45 9.86
C GLY A 268 8.81 -10.32 8.61
N ALA A 269 7.90 -11.27 8.38
CA ALA A 269 8.00 -12.12 7.18
C ALA A 269 7.89 -11.28 5.87
N ALA A 270 6.96 -10.34 5.82
CA ALA A 270 6.73 -9.53 4.60
C ALA A 270 7.93 -8.64 4.29
N ILE B 12 0.36 -4.09 -36.09
CA ILE B 12 0.33 -2.73 -35.45
C ILE B 12 0.28 -2.92 -33.95
N PRO B 13 1.17 -2.24 -33.22
CA PRO B 13 1.22 -2.43 -31.77
C PRO B 13 0.09 -1.72 -30.99
N GLY B 14 -0.43 -2.43 -29.99
CA GLY B 14 -1.57 -2.02 -29.14
C GLY B 14 -2.95 -2.33 -29.71
N ARG B 15 -3.01 -2.92 -30.89
CA ARG B 15 -4.27 -3.22 -31.55
C ARG B 15 -4.70 -4.64 -31.20
N LEU B 16 -5.96 -4.95 -31.49
CA LEU B 16 -6.58 -6.18 -31.07
C LEU B 16 -7.26 -6.89 -32.23
N ASP B 17 -6.75 -6.71 -33.44
CA ASP B 17 -7.38 -7.29 -34.62
C ASP B 17 -7.34 -8.82 -34.50
N GLY B 18 -8.47 -9.46 -34.77
CA GLY B 18 -8.61 -10.92 -34.64
C GLY B 18 -9.01 -11.38 -33.25
N LYS B 19 -9.01 -10.47 -32.28
CA LYS B 19 -9.36 -10.81 -30.91
C LYS B 19 -10.86 -10.62 -30.65
N VAL B 20 -11.35 -11.32 -29.65
CA VAL B 20 -12.73 -11.18 -29.19
C VAL B 20 -12.71 -10.79 -27.74
N ALA B 21 -13.47 -9.75 -27.41
CA ALA B 21 -13.55 -9.21 -26.04
C ALA B 21 -14.99 -9.23 -25.55
N LEU B 22 -15.16 -9.34 -24.24
CA LEU B 22 -16.44 -9.21 -23.58
C LEU B 22 -16.31 -8.17 -22.49
N VAL B 23 -17.29 -7.28 -22.39
CA VAL B 23 -17.31 -6.25 -21.36
C VAL B 23 -18.66 -6.28 -20.64
N THR B 24 -18.64 -6.51 -19.33
CA THR B 24 -19.90 -6.55 -18.56
C THR B 24 -20.40 -5.11 -18.30
N GLY B 25 -21.71 -4.90 -18.41
CA GLY B 25 -22.30 -3.59 -18.20
C GLY B 25 -21.82 -2.53 -19.14
N SER B 26 -21.78 -2.86 -20.42
CA SER B 26 -21.22 -1.97 -21.42
C SER B 26 -22.30 -1.32 -22.29
N GLY B 27 -23.54 -1.31 -21.81
CA GLY B 27 -24.58 -0.53 -22.43
C GLY B 27 -24.42 0.97 -22.21
N ARG B 28 -23.78 1.33 -21.10
CA ARG B 28 -23.62 2.75 -20.75
C ARG B 28 -22.46 2.95 -19.78
N GLY B 29 -22.15 4.21 -19.51
CA GLY B 29 -21.08 4.59 -18.59
C GLY B 29 -19.70 4.08 -19.03
N ILE B 30 -18.88 3.75 -18.06
CA ILE B 30 -17.49 3.36 -18.33
C ILE B 30 -17.42 2.14 -19.26
N GLY B 31 -18.30 1.17 -19.00
CA GLY B 31 -18.39 -0.03 -19.81
C GLY B 31 -18.62 0.26 -21.27
N ALA B 32 -19.49 1.23 -21.55
CA ALA B 32 -19.77 1.62 -22.94
C ALA B 32 -18.51 2.10 -23.64
N ALA B 33 -17.75 2.98 -22.97
CA ALA B 33 -16.52 3.52 -23.56
C ALA B 33 -15.49 2.42 -23.77
N VAL B 34 -15.39 1.52 -22.81
CA VAL B 34 -14.45 0.40 -22.92
C VAL B 34 -14.83 -0.43 -24.14
N ALA B 35 -16.11 -0.80 -24.26
CA ALA B 35 -16.57 -1.62 -25.40
C ALA B 35 -16.27 -0.98 -26.77
N VAL B 36 -16.66 0.29 -26.94
CA VAL B 36 -16.41 1.00 -28.19
C VAL B 36 -14.92 1.07 -28.50
N HIS B 37 -14.11 1.32 -27.47
CA HIS B 37 -12.68 1.47 -27.65
C HIS B 37 -12.00 0.16 -28.04
N LEU B 38 -12.41 -0.95 -27.43
CA LEU B 38 -11.86 -2.25 -27.80
C LEU B 38 -12.19 -2.56 -29.27
N GLY B 39 -13.41 -2.20 -29.67
CA GLY B 39 -13.83 -2.30 -31.05
C GLY B 39 -12.98 -1.42 -31.94
N ARG B 40 -12.67 -0.20 -31.49
CA ARG B 40 -11.85 0.71 -32.27
C ARG B 40 -10.43 0.13 -32.44
N LEU B 41 -9.96 -0.61 -31.44
CA LEU B 41 -8.67 -1.28 -31.54
C LEU B 41 -8.70 -2.55 -32.40
N GLY B 42 -9.89 -2.99 -32.81
CA GLY B 42 -10.02 -4.08 -33.77
C GLY B 42 -10.63 -5.34 -33.21
N ALA B 43 -10.97 -5.34 -31.94
CA ALA B 43 -11.62 -6.50 -31.31
C ALA B 43 -13.08 -6.56 -31.74
N LYS B 44 -13.57 -7.79 -31.82
CA LYS B 44 -15.00 -8.02 -31.88
C LYS B 44 -15.45 -8.01 -30.44
N VAL B 45 -16.63 -7.45 -30.16
CA VAL B 45 -17.01 -7.17 -28.77
C VAL B 45 -18.38 -7.75 -28.42
N VAL B 46 -18.44 -8.42 -27.28
CA VAL B 46 -19.72 -8.81 -26.71
C VAL B 46 -20.08 -7.71 -25.71
N VAL B 47 -21.20 -7.06 -25.98
CA VAL B 47 -21.71 -5.99 -25.13
C VAL B 47 -22.75 -6.58 -24.18
N ASN B 48 -22.38 -6.79 -22.93
CA ASN B 48 -23.32 -7.31 -21.93
C ASN B 48 -24.05 -6.18 -21.25
N TYR B 49 -25.32 -6.42 -20.96
CA TYR B 49 -26.14 -5.48 -20.23
C TYR B 49 -27.10 -6.29 -19.39
N ALA B 50 -27.77 -5.60 -18.44
CA ALA B 50 -28.76 -6.22 -17.56
C ALA B 50 -30.16 -5.60 -17.72
N ASN B 51 -30.21 -4.29 -17.98
CA ASN B 51 -31.44 -3.52 -18.13
C ASN B 51 -31.45 -2.59 -19.35
N SER B 52 -30.29 -2.05 -19.72
CA SER B 52 -30.20 -1.02 -20.73
C SER B 52 -30.14 -1.59 -22.16
N THR B 53 -31.25 -2.18 -22.60
CA THR B 53 -31.32 -2.83 -23.91
C THR B 53 -31.01 -1.87 -25.07
N LYS B 54 -31.70 -0.73 -25.14
CA LYS B 54 -31.53 0.18 -26.26
C LYS B 54 -30.11 0.72 -26.29
N ASP B 55 -29.57 1.12 -25.14
CA ASP B 55 -28.19 1.61 -25.05
C ASP B 55 -27.18 0.56 -25.50
N ALA B 56 -27.36 -0.69 -25.08
CA ALA B 56 -26.48 -1.79 -25.52
C ALA B 56 -26.50 -1.94 -27.04
N GLU B 57 -27.68 -1.81 -27.64
CA GLU B 57 -27.75 -1.88 -29.08
C GLU B 57 -27.08 -0.70 -29.77
N LYS B 58 -27.18 0.49 -29.19
CA LYS B 58 -26.47 1.68 -29.71
C LYS B 58 -24.97 1.43 -29.71
N VAL B 59 -24.45 0.87 -28.63
CA VAL B 59 -23.02 0.57 -28.54
C VAL B 59 -22.63 -0.44 -29.64
N VAL B 60 -23.42 -1.51 -29.77
CA VAL B 60 -23.20 -2.53 -30.81
C VAL B 60 -23.12 -1.86 -32.18
N SER B 61 -24.11 -1.03 -32.48
CA SER B 61 -24.17 -0.28 -33.73
C SER B 61 -22.93 0.57 -33.99
N GLU B 62 -22.48 1.24 -32.94
CA GLU B 62 -21.31 2.10 -33.03
C GLU B 62 -20.05 1.28 -33.34
N ILE B 63 -19.92 0.11 -32.73
CA ILE B 63 -18.77 -0.78 -32.98
C ILE B 63 -18.79 -1.30 -34.43
N LYS B 64 -19.97 -1.68 -34.92
CA LYS B 64 -20.10 -2.06 -36.33
C LYS B 64 -19.78 -0.91 -37.27
N ALA B 65 -20.19 0.30 -36.90
CA ALA B 65 -20.00 1.47 -37.74
C ALA B 65 -18.52 1.82 -37.89
N LEU B 66 -17.75 1.65 -36.81
CA LEU B 66 -16.32 1.89 -36.93
C LEU B 66 -15.55 0.67 -37.52
N GLY B 67 -16.26 -0.33 -38.04
CA GLY B 67 -15.67 -1.37 -38.90
C GLY B 67 -15.35 -2.69 -38.21
N SER B 68 -15.91 -2.92 -37.03
CA SER B 68 -15.70 -4.18 -36.34
C SER B 68 -17.03 -4.90 -36.20
N ASP B 69 -17.11 -5.91 -35.35
CA ASP B 69 -18.37 -6.61 -35.13
C ASP B 69 -18.69 -6.72 -33.64
N ALA B 70 -19.97 -6.78 -33.31
CA ALA B 70 -20.40 -6.80 -31.93
C ALA B 70 -21.80 -7.39 -31.79
N ILE B 71 -22.10 -7.88 -30.59
CA ILE B 71 -23.39 -8.43 -30.26
C ILE B 71 -23.72 -8.04 -28.82
N ALA B 72 -25.01 -7.74 -28.57
CA ALA B 72 -25.47 -7.44 -27.21
C ALA B 72 -25.98 -8.72 -26.59
N ILE B 73 -25.57 -9.04 -25.36
CA ILE B 73 -26.07 -10.22 -24.66
C ILE B 73 -26.51 -9.84 -23.24
N LYS B 74 -27.80 -10.02 -22.96
CA LYS B 74 -28.36 -9.80 -21.64
C LYS B 74 -27.89 -10.87 -20.65
N ALA B 75 -27.36 -10.43 -19.51
CA ALA B 75 -27.12 -11.34 -18.39
C ALA B 75 -27.07 -10.56 -17.09
N ASP B 76 -27.83 -11.01 -16.09
CA ASP B 76 -27.77 -10.43 -14.76
C ASP B 76 -26.54 -10.99 -14.05
N ILE B 77 -25.52 -10.16 -13.87
CA ILE B 77 -24.23 -10.62 -13.35
C ILE B 77 -24.30 -11.00 -11.87
N ARG B 78 -25.41 -10.70 -11.18
CA ARG B 78 -25.64 -11.26 -9.86
C ARG B 78 -25.92 -12.77 -9.86
N GLN B 79 -26.37 -13.29 -11.00
CA GLN B 79 -26.74 -14.70 -11.11
C GLN B 79 -25.61 -15.46 -11.78
N VAL B 80 -24.90 -16.27 -11.02
CA VAL B 80 -23.81 -17.04 -11.58
C VAL B 80 -24.24 -17.90 -12.78
N PRO B 81 -25.40 -18.57 -12.71
CA PRO B 81 -25.79 -19.37 -13.89
C PRO B 81 -25.95 -18.51 -15.15
N GLU B 82 -26.30 -17.23 -14.99
CA GLU B 82 -26.37 -16.31 -16.13
C GLU B 82 -24.99 -15.84 -16.59
N ILE B 83 -24.01 -15.78 -15.67
CA ILE B 83 -22.63 -15.50 -16.06
C ILE B 83 -22.11 -16.65 -16.95
N VAL B 84 -22.41 -17.88 -16.56
CA VAL B 84 -22.02 -19.06 -17.33
C VAL B 84 -22.63 -19.00 -18.73
N LYS B 85 -23.93 -18.81 -18.82
CA LYS B 85 -24.61 -18.67 -20.12
C LYS B 85 -24.06 -17.50 -20.95
N LEU B 86 -23.77 -16.38 -20.29
CA LEU B 86 -23.22 -15.22 -21.00
C LEU B 86 -21.95 -15.63 -21.77
N PHE B 87 -21.02 -16.27 -21.06
CA PHE B 87 -19.78 -16.68 -21.68
C PHE B 87 -19.99 -17.78 -22.70
N ASP B 88 -20.90 -18.71 -22.44
CA ASP B 88 -21.20 -19.75 -23.43
C ASP B 88 -21.73 -19.11 -24.72
N GLN B 89 -22.61 -18.12 -24.58
CA GLN B 89 -23.21 -17.43 -25.75
C GLN B 89 -22.21 -16.58 -26.49
N ALA B 90 -21.27 -16.00 -25.74
CA ALA B 90 -20.17 -15.24 -26.32
C ALA B 90 -19.32 -16.12 -27.23
N VAL B 91 -18.90 -17.28 -26.72
CA VAL B 91 -18.06 -18.22 -27.48
C VAL B 91 -18.87 -18.83 -28.65
N ALA B 92 -20.13 -19.16 -28.41
CA ALA B 92 -21.04 -19.66 -29.45
C ALA B 92 -21.11 -18.72 -30.63
N HIS B 93 -21.23 -17.42 -30.36
CA HIS B 93 -21.38 -16.45 -31.41
C HIS B 93 -20.10 -16.17 -32.17
N PHE B 94 -19.00 -15.92 -31.46
CA PHE B 94 -17.75 -15.53 -32.12
C PHE B 94 -16.70 -16.63 -32.27
N GLY B 95 -16.95 -17.80 -31.68
CA GLY B 95 -16.04 -18.95 -31.85
C GLY B 95 -14.99 -19.07 -30.74
N HIS B 96 -14.55 -17.97 -30.16
CA HIS B 96 -13.59 -17.98 -29.06
C HIS B 96 -13.66 -16.67 -28.33
N LEU B 97 -13.00 -16.59 -27.18
CA LEU B 97 -12.94 -15.37 -26.37
C LEU B 97 -11.54 -15.17 -25.84
N ASP B 98 -11.00 -13.96 -26.03
CA ASP B 98 -9.62 -13.62 -25.66
C ASP B 98 -9.52 -12.65 -24.47
N ILE B 99 -10.52 -11.77 -24.33
CA ILE B 99 -10.47 -10.64 -23.39
C ILE B 99 -11.81 -10.55 -22.65
N ALA B 100 -11.75 -10.46 -21.32
CA ALA B 100 -12.94 -10.27 -20.49
C ALA B 100 -12.70 -9.06 -19.58
N VAL B 101 -13.56 -8.06 -19.72
CA VAL B 101 -13.52 -6.90 -18.84
C VAL B 101 -14.75 -6.91 -17.95
N SER B 102 -14.52 -6.99 -16.66
CA SER B 102 -15.59 -6.98 -15.66
C SER B 102 -15.76 -5.56 -15.14
N ASN B 103 -16.87 -4.94 -15.49
CA ASN B 103 -17.13 -3.52 -15.25
C ASN B 103 -18.41 -3.24 -14.45
N SER B 104 -19.42 -4.12 -14.55
CA SER B 104 -20.69 -3.87 -13.88
C SER B 104 -20.52 -3.64 -12.38
N GLY B 105 -21.19 -2.62 -11.86
CA GLY B 105 -21.18 -2.35 -10.43
C GLY B 105 -22.24 -1.35 -10.00
N VAL B 106 -22.50 -1.31 -8.71
CA VAL B 106 -23.41 -0.35 -8.13
C VAL B 106 -22.73 0.35 -6.96
N VAL B 107 -23.16 1.58 -6.69
CA VAL B 107 -22.60 2.38 -5.61
C VAL B 107 -23.60 2.40 -4.46
N SER B 108 -23.09 2.66 -3.26
CA SER B 108 -23.94 2.72 -2.07
C SER B 108 -23.33 3.70 -1.09
N PHE B 109 -24.21 4.35 -0.33
CA PHE B 109 -23.80 5.21 0.78
C PHE B 109 -24.68 4.96 1.98
N GLY B 110 -24.10 5.08 3.15
CA GLY B 110 -24.84 4.98 4.41
C GLY B 110 -23.83 4.82 5.53
N HIS B 111 -24.11 5.45 6.66
CA HIS B 111 -23.39 5.19 7.88
C HIS B 111 -23.48 3.72 8.23
N LEU B 112 -22.37 3.14 8.69
CA LEU B 112 -22.31 1.76 9.18
C LEU B 112 -23.54 1.36 9.99
N LYS B 113 -23.97 2.24 10.90
CA LYS B 113 -25.03 1.90 11.84
C LYS B 113 -26.31 1.50 11.16
N ASP B 114 -26.55 2.00 9.94
CA ASP B 114 -27.86 1.79 9.29
C ASP B 114 -27.77 0.93 8.05
N VAL B 115 -26.60 0.36 7.76
CA VAL B 115 -26.51 -0.57 6.65
C VAL B 115 -27.23 -1.88 6.99
N THR B 116 -28.12 -2.28 6.08
CA THR B 116 -28.97 -3.45 6.25
C THR B 116 -28.33 -4.64 5.54
N GLU B 117 -28.76 -5.84 5.93
CA GLU B 117 -28.41 -7.07 5.20
C GLU B 117 -28.67 -6.95 3.72
N GLU B 118 -29.82 -6.39 3.39
CA GLU B 118 -30.29 -6.33 2.01
C GLU B 118 -29.39 -5.43 1.19
N GLU B 119 -28.96 -4.32 1.78
CA GLU B 119 -28.08 -3.41 1.06
C GLU B 119 -26.68 -4.03 0.91
N PHE B 120 -26.17 -4.67 1.96
CA PHE B 120 -24.91 -5.40 1.84
C PHE B 120 -24.98 -6.37 0.67
N ASP B 121 -26.05 -7.15 0.61
CA ASP B 121 -26.18 -8.19 -0.41
C ASP B 121 -26.36 -7.59 -1.81
N ARG B 122 -27.11 -6.49 -1.91
CA ARG B 122 -27.28 -5.81 -3.19
C ARG B 122 -25.93 -5.40 -3.77
N VAL B 123 -25.06 -4.85 -2.93
CA VAL B 123 -23.78 -4.32 -3.38
C VAL B 123 -22.77 -5.45 -3.64
N PHE B 124 -22.59 -6.35 -2.67
CA PHE B 124 -21.60 -7.42 -2.79
C PHE B 124 -21.93 -8.44 -3.86
N SER B 125 -23.20 -8.76 -4.01
CA SER B 125 -23.63 -9.75 -5.00
C SER B 125 -23.13 -9.37 -6.40
N LEU B 126 -23.09 -8.07 -6.71
CA LEU B 126 -22.66 -7.62 -8.02
C LEU B 126 -21.18 -7.24 -8.02
N ASN B 127 -20.79 -6.32 -7.13
CA ASN B 127 -19.47 -5.75 -7.15
C ASN B 127 -18.33 -6.73 -6.86
N THR B 128 -18.63 -7.78 -6.10
CA THR B 128 -17.60 -8.64 -5.55
C THR B 128 -17.82 -10.09 -5.99
N ARG B 129 -18.95 -10.64 -5.61
CA ARG B 129 -19.29 -12.00 -5.99
C ARG B 129 -19.42 -12.10 -7.49
N GLY B 130 -20.18 -11.19 -8.09
CA GLY B 130 -20.36 -11.18 -9.54
C GLY B 130 -19.02 -11.10 -10.28
N GLN B 131 -18.18 -10.16 -9.89
CA GLN B 131 -16.87 -10.01 -10.51
C GLN B 131 -16.02 -11.26 -10.33
N PHE B 132 -16.13 -11.90 -9.18
CA PHE B 132 -15.38 -13.13 -8.92
C PHE B 132 -15.73 -14.18 -9.95
N PHE B 133 -17.02 -14.38 -10.17
CA PHE B 133 -17.46 -15.44 -11.06
C PHE B 133 -17.38 -15.09 -12.54
N VAL B 134 -17.36 -13.79 -12.88
CA VAL B 134 -17.01 -13.36 -14.22
C VAL B 134 -15.55 -13.76 -14.48
N ALA B 135 -14.68 -13.54 -13.50
CA ALA B 135 -13.31 -13.97 -13.62
C ALA B 135 -13.21 -15.50 -13.75
N ARG B 136 -13.98 -16.24 -12.98
CA ARG B 136 -13.94 -17.69 -13.07
C ARG B 136 -14.35 -18.16 -14.45
N GLU B 137 -15.47 -17.67 -14.92
CA GLU B 137 -15.94 -18.08 -16.24
C GLU B 137 -15.01 -17.59 -17.34
N ALA B 138 -14.40 -16.42 -17.15
CA ALA B 138 -13.42 -15.91 -18.10
C ALA B 138 -12.23 -16.87 -18.16
N TYR B 139 -11.70 -17.29 -17.01
CA TYR B 139 -10.59 -18.23 -17.03
C TYR B 139 -10.96 -19.50 -17.79
N ARG B 140 -12.14 -20.05 -17.50
CA ARG B 140 -12.56 -21.32 -18.12
C ARG B 140 -12.77 -21.20 -19.64
N HIS B 141 -13.18 -20.02 -20.11
CA HIS B 141 -13.56 -19.87 -21.53
C HIS B 141 -12.47 -19.28 -22.36
N LEU B 142 -11.52 -18.58 -21.75
CA LEU B 142 -10.54 -17.80 -22.52
C LEU B 142 -9.50 -18.67 -23.23
N THR B 143 -9.03 -18.17 -24.35
CA THR B 143 -7.87 -18.72 -25.02
C THR B 143 -6.57 -18.38 -24.27
N GLU B 144 -5.56 -19.20 -24.47
CA GLU B 144 -4.24 -18.95 -23.89
C GLU B 144 -3.68 -17.62 -24.36
N GLY B 145 -3.03 -16.89 -23.44
CA GLY B 145 -2.50 -15.58 -23.74
C GLY B 145 -3.54 -14.48 -23.59
N GLY B 146 -4.68 -14.82 -22.99
CA GLY B 146 -5.78 -13.88 -22.82
C GLY B 146 -5.60 -12.82 -21.74
N ARG B 147 -6.69 -12.09 -21.47
CA ARG B 147 -6.65 -10.93 -20.59
C ARG B 147 -7.93 -10.85 -19.79
N ILE B 148 -7.81 -10.64 -18.47
CA ILE B 148 -8.95 -10.35 -17.59
C ILE B 148 -8.68 -9.01 -16.84
N VAL B 149 -9.65 -8.10 -16.87
CA VAL B 149 -9.54 -6.84 -16.13
C VAL B 149 -10.83 -6.64 -15.34
N LEU B 150 -10.69 -6.50 -14.01
CA LEU B 150 -11.82 -6.22 -13.12
C LEU B 150 -11.81 -4.74 -12.74
N THR B 151 -12.90 -4.28 -12.13
CA THR B 151 -13.05 -2.85 -11.81
C THR B 151 -13.18 -2.67 -10.31
N SER B 152 -12.23 -1.90 -9.75
CA SER B 152 -12.22 -1.57 -8.34
C SER B 152 -12.65 -0.11 -8.22
N SER B 153 -12.00 0.65 -7.34
CA SER B 153 -12.31 2.04 -7.12
C SER B 153 -11.18 2.68 -6.35
N ASN B 154 -10.98 3.98 -6.51
CA ASN B 154 -10.03 4.68 -5.67
C ASN B 154 -10.44 4.65 -4.18
N THR B 155 -11.71 4.38 -3.90
CA THR B 155 -12.18 4.34 -2.50
C THR B 155 -11.80 3.05 -1.76
N SER B 156 -11.33 2.07 -2.51
CA SER B 156 -10.84 0.82 -1.96
C SER B 156 -9.69 1.05 -0.99
N LYS B 157 -8.73 1.85 -1.44
CA LYS B 157 -7.53 2.08 -0.65
C LYS B 157 -7.09 3.54 -0.58
N ASP B 158 -7.29 4.31 -1.65
CA ASP B 158 -6.62 5.61 -1.82
C ASP B 158 -7.43 6.79 -1.32
N PHE B 159 -8.74 6.65 -1.22
CA PHE B 159 -9.63 7.76 -0.96
C PHE B 159 -10.60 7.30 0.12
N SER B 160 -10.75 8.10 1.18
CA SER B 160 -11.57 7.73 2.31
C SER B 160 -12.76 8.66 2.44
N VAL B 161 -13.95 8.10 2.26
CA VAL B 161 -15.15 8.87 2.28
C VAL B 161 -16.06 8.36 3.41
N PRO B 162 -16.51 9.28 4.28
CA PRO B 162 -17.49 8.87 5.27
C PRO B 162 -18.72 8.21 4.63
N LYS B 163 -19.28 7.23 5.32
CA LYS B 163 -20.56 6.59 4.94
C LYS B 163 -20.44 5.79 3.66
N HIS B 164 -19.23 5.35 3.35
CA HIS B 164 -18.92 4.68 2.11
C HIS B 164 -18.22 3.35 2.39
N SER B 165 -18.46 2.77 3.57
CA SER B 165 -17.72 1.58 3.97
C SER B 165 -18.09 0.35 3.16
N LEU B 166 -19.38 0.16 2.91
CA LEU B 166 -19.86 -0.99 2.18
C LEU B 166 -19.23 -1.09 0.80
N TYR B 167 -19.31 0.01 0.06
CA TYR B 167 -18.80 0.05 -1.31
C TYR B 167 -17.31 -0.09 -1.33
N SER B 168 -16.64 0.63 -0.45
CA SER B 168 -15.19 0.60 -0.37
C SER B 168 -14.67 -0.82 -0.17
N GLY B 169 -15.31 -1.54 0.72
CA GLY B 169 -14.96 -2.92 0.98
C GLY B 169 -15.26 -3.81 -0.20
N SER B 170 -16.36 -3.55 -0.90
CA SER B 170 -16.73 -4.39 -2.04
C SER B 170 -15.63 -4.36 -3.09
N LYS B 171 -14.96 -3.22 -3.21
CA LYS B 171 -13.88 -3.07 -4.18
C LYS B 171 -12.52 -3.46 -3.59
N GLY B 172 -12.37 -3.36 -2.27
CA GLY B 172 -11.15 -3.84 -1.61
C GLY B 172 -10.94 -5.33 -1.83
N ALA B 173 -12.03 -6.08 -1.82
CA ALA B 173 -11.95 -7.51 -2.11
C ALA B 173 -11.41 -7.76 -3.52
N VAL B 174 -11.84 -6.93 -4.47
CA VAL B 174 -11.42 -7.08 -5.88
C VAL B 174 -9.90 -6.87 -6.04
N ASP B 175 -9.36 -5.89 -5.32
CA ASP B 175 -7.91 -5.63 -5.34
C ASP B 175 -7.10 -6.86 -4.94
N SER B 176 -7.54 -7.51 -3.86
CA SER B 176 -6.93 -8.75 -3.44
C SER B 176 -7.15 -9.86 -4.45
N PHE B 177 -8.40 -10.02 -4.93
CA PHE B 177 -8.70 -11.05 -5.93
C PHE B 177 -7.67 -11.06 -7.06
N VAL B 178 -7.44 -9.88 -7.66
CA VAL B 178 -6.74 -9.83 -8.93
C VAL B 178 -5.29 -10.23 -8.74
N ARG B 179 -4.72 -9.87 -7.60
CA ARG B 179 -3.36 -10.26 -7.31
C ARG B 179 -3.20 -11.80 -7.30
N ILE B 180 -4.15 -12.51 -6.69
CA ILE B 180 -4.07 -13.96 -6.59
C ILE B 180 -4.59 -14.63 -7.87
N PHE B 181 -5.61 -14.04 -8.51
CA PHE B 181 -6.08 -14.54 -9.81
C PHE B 181 -4.92 -14.64 -10.77
N SER B 182 -4.01 -13.67 -10.73
CA SER B 182 -2.90 -13.67 -11.67
C SER B 182 -2.04 -14.91 -11.46
N LYS B 183 -1.99 -15.43 -10.24
CA LYS B 183 -1.20 -16.64 -9.98
C LYS B 183 -1.87 -17.85 -10.61
N ASP B 184 -3.16 -18.02 -10.39
CA ASP B 184 -3.91 -19.16 -10.95
C ASP B 184 -4.01 -19.09 -12.49
N CYS B 185 -4.31 -17.89 -13.02
CA CYS B 185 -4.56 -17.71 -14.43
C CYS B 185 -3.30 -17.80 -15.28
N GLY B 186 -2.15 -17.71 -14.64
CA GLY B 186 -0.90 -17.90 -15.32
C GLY B 186 -0.72 -19.26 -15.98
N ASP B 187 -1.43 -20.28 -15.55
CA ASP B 187 -1.23 -21.57 -16.23
C ASP B 187 -1.91 -21.58 -17.62
N LYS B 188 -2.67 -20.56 -17.96
CA LYS B 188 -3.11 -20.32 -19.32
C LYS B 188 -2.50 -19.03 -19.91
N LYS B 189 -1.44 -18.55 -19.27
CA LYS B 189 -0.80 -17.27 -19.66
C LYS B 189 -1.80 -16.13 -19.78
N ILE B 190 -2.81 -16.12 -18.92
CA ILE B 190 -3.80 -15.06 -18.88
C ILE B 190 -3.35 -14.07 -17.80
N THR B 191 -3.26 -12.78 -18.14
CA THR B 191 -2.97 -11.76 -17.13
C THR B 191 -4.30 -11.26 -16.55
N VAL B 192 -4.24 -10.78 -15.31
CA VAL B 192 -5.42 -10.35 -14.58
C VAL B 192 -5.03 -9.11 -13.81
N ASN B 193 -5.77 -8.03 -14.05
CA ASN B 193 -5.51 -6.75 -13.42
C ASN B 193 -6.84 -6.09 -13.03
N ALA B 194 -6.78 -4.96 -12.34
CA ALA B 194 -8.00 -4.17 -12.12
C ALA B 194 -7.69 -2.73 -12.40
N VAL B 195 -8.70 -2.00 -12.85
CA VAL B 195 -8.64 -0.55 -12.90
C VAL B 195 -9.49 -0.02 -11.76
N ALA B 196 -8.99 1.00 -11.06
CA ALA B 196 -9.66 1.57 -9.89
C ALA B 196 -9.92 3.05 -10.20
N PRO B 197 -11.02 3.35 -10.88
CA PRO B 197 -11.25 4.76 -11.19
C PRO B 197 -11.56 5.61 -9.97
N GLY B 198 -11.22 6.90 -10.05
CA GLY B 198 -11.77 7.91 -9.18
C GLY B 198 -13.07 8.41 -9.80
N GLY B 199 -13.53 9.58 -9.37
CA GLY B 199 -14.74 10.19 -9.89
C GLY B 199 -14.68 10.35 -11.39
N THR B 200 -15.57 9.64 -12.07
CA THR B 200 -15.61 9.59 -13.52
C THR B 200 -17.06 9.93 -13.91
N VAL B 201 -17.23 10.96 -14.75
CA VAL B 201 -18.54 11.51 -15.04
C VAL B 201 -19.39 10.52 -15.86
N THR B 202 -20.33 9.89 -15.17
CA THR B 202 -21.27 8.90 -15.73
C THR B 202 -22.57 9.14 -14.98
N ASP B 203 -23.58 8.30 -15.20
CA ASP B 203 -24.82 8.37 -14.41
C ASP B 203 -24.53 8.17 -12.93
N MET B 204 -23.61 7.25 -12.60
CA MET B 204 -23.24 7.00 -11.21
C MET B 204 -22.67 8.25 -10.54
N PHE B 205 -21.89 9.02 -11.30
CA PHE B 205 -21.29 10.25 -10.77
C PHE B 205 -22.39 11.18 -10.28
N HIS B 206 -23.37 11.44 -11.13
CA HIS B 206 -24.39 12.45 -10.85
C HIS B 206 -25.37 11.96 -9.85
N GLU B 207 -25.50 10.65 -9.75
CA GLU B 207 -26.37 10.03 -8.80
C GLU B 207 -25.89 10.33 -7.36
N VAL B 208 -24.58 10.37 -7.12
CA VAL B 208 -24.04 10.41 -5.73
C VAL B 208 -22.98 11.46 -5.39
N SER B 209 -22.70 12.37 -6.31
CA SER B 209 -21.63 13.38 -6.13
C SER B 209 -21.81 14.25 -4.86
N HIS B 210 -23.06 14.40 -4.42
CA HIS B 210 -23.38 15.15 -3.20
C HIS B 210 -22.92 14.48 -1.93
N HIS B 211 -22.66 13.16 -1.96
CA HIS B 211 -22.12 12.43 -0.79
C HIS B 211 -20.65 12.68 -0.52
N TYR B 212 -19.90 13.13 -1.52
CA TYR B 212 -18.44 13.29 -1.38
C TYR B 212 -18.04 14.69 -0.93
N ILE B 213 -19.01 15.59 -0.79
CA ILE B 213 -18.73 16.99 -0.47
C ILE B 213 -19.54 17.39 0.75
N PRO B 214 -18.93 18.14 1.68
CA PRO B 214 -19.72 18.63 2.80
C PRO B 214 -20.85 19.52 2.31
N ASN B 215 -22.05 19.30 2.84
CA ASN B 215 -23.26 20.02 2.38
C ASN B 215 -23.45 19.92 0.87
N GLY B 216 -23.12 18.77 0.31
CA GLY B 216 -23.13 18.56 -1.14
C GLY B 216 -24.44 18.92 -1.80
N THR B 217 -25.53 18.66 -1.08
CA THR B 217 -26.89 19.00 -1.54
C THR B 217 -27.14 20.49 -1.80
N SER B 218 -26.43 21.39 -1.11
CA SER B 218 -26.64 22.83 -1.35
C SER B 218 -25.84 23.41 -2.55
N TYR B 219 -25.10 22.56 -3.26
CA TYR B 219 -24.50 22.93 -4.54
C TYR B 219 -25.31 22.34 -5.68
N THR B 220 -25.19 22.93 -6.86
CA THR B 220 -25.76 22.35 -8.07
C THR B 220 -24.91 21.17 -8.55
N ALA B 221 -25.52 20.31 -9.36
CA ALA B 221 -24.82 19.20 -9.99
C ALA B 221 -23.55 19.67 -10.75
N GLU B 222 -23.67 20.77 -11.48
CA GLU B 222 -22.58 21.33 -12.27
C GLU B 222 -21.43 21.71 -11.33
N GLN B 223 -21.75 22.45 -10.26
CA GLN B 223 -20.77 22.83 -9.24
C GLN B 223 -20.05 21.62 -8.64
N ARG B 224 -20.82 20.60 -8.24
CA ARG B 224 -20.24 19.41 -7.66
C ARG B 224 -19.26 18.74 -8.64
N GLN B 225 -19.63 18.73 -9.92
CA GLN B 225 -18.75 18.19 -10.97
C GLN B 225 -17.46 19.01 -11.11
N GLN B 226 -17.60 20.34 -11.04
CA GLN B 226 -16.47 21.25 -11.11
C GLN B 226 -15.53 21.01 -9.94
N MET B 227 -16.09 20.82 -8.75
CA MET B 227 -15.26 20.57 -7.57
C MET B 227 -14.50 19.25 -7.69
N ALA B 228 -15.12 18.23 -8.28
CA ALA B 228 -14.44 16.96 -8.53
C ALA B 228 -13.30 17.17 -9.52
N ALA B 229 -13.52 18.05 -10.49
CA ALA B 229 -12.49 18.40 -11.46
C ALA B 229 -11.24 18.93 -10.77
N HIS B 230 -11.44 19.80 -9.78
CA HIS B 230 -10.32 20.43 -9.09
C HIS B 230 -9.63 19.57 -8.08
N ALA B 231 -10.17 18.39 -7.82
CA ALA B 231 -9.49 17.39 -6.98
C ALA B 231 -8.31 16.74 -7.73
N SER B 232 -8.35 16.78 -9.06
CA SER B 232 -7.17 16.39 -9.84
C SER B 232 -6.28 17.60 -10.03
N PRO B 233 -4.96 17.40 -9.91
CA PRO B 233 -4.04 18.48 -10.22
C PRO B 233 -4.04 18.89 -11.71
N LEU B 234 -4.68 18.09 -12.56
CA LEU B 234 -4.92 18.48 -13.96
C LEU B 234 -6.19 19.34 -14.15
N HIS B 235 -6.96 19.54 -13.08
CA HIS B 235 -8.13 20.43 -13.11
C HIS B 235 -9.11 20.08 -14.19
N ARG B 236 -9.44 18.81 -14.28
CA ARG B 236 -10.51 18.35 -15.15
C ARG B 236 -11.08 17.09 -14.54
N ASN B 237 -12.26 16.70 -15.01
CA ASN B 237 -12.87 15.47 -14.53
C ASN B 237 -12.29 14.27 -15.22
N GLY B 238 -12.43 13.11 -14.58
CA GLY B 238 -12.25 11.83 -15.26
C GLY B 238 -13.48 11.54 -16.12
N TRP B 239 -13.24 10.92 -17.26
CA TRP B 239 -14.30 10.56 -18.22
C TRP B 239 -14.20 9.09 -18.53
N PRO B 240 -15.31 8.48 -18.98
CA PRO B 240 -15.23 7.06 -19.37
C PRO B 240 -14.06 6.72 -20.32
N GLN B 241 -13.76 7.62 -21.24
CA GLN B 241 -12.65 7.37 -22.17
C GLN B 241 -11.29 7.21 -21.47
N ASP B 242 -11.11 7.88 -20.33
CA ASP B 242 -9.85 7.81 -19.57
C ASP B 242 -9.62 6.39 -19.07
N VAL B 243 -10.68 5.75 -18.59
CA VAL B 243 -10.61 4.35 -18.15
C VAL B 243 -10.45 3.42 -19.34
N ALA B 244 -11.20 3.68 -20.41
CA ALA B 244 -11.12 2.88 -21.63
C ALA B 244 -9.70 2.85 -22.23
N ASN B 245 -9.05 4.01 -22.26
CA ASN B 245 -7.67 4.11 -22.73
C ASN B 245 -6.71 3.14 -22.01
N VAL B 246 -6.86 3.05 -20.69
CA VAL B 246 -5.99 2.19 -19.89
C VAL B 246 -6.35 0.72 -20.08
N VAL B 247 -7.65 0.41 -20.06
CA VAL B 247 -8.06 -0.97 -20.27
C VAL B 247 -7.51 -1.48 -21.62
N GLY B 248 -7.64 -0.66 -22.65
CA GLY B 248 -7.09 -0.95 -23.98
C GLY B 248 -5.62 -1.33 -24.00
N PHE B 249 -4.81 -0.60 -23.26
CA PHE B 249 -3.41 -0.99 -23.08
C PHE B 249 -3.22 -2.29 -22.29
N LEU B 250 -3.96 -2.45 -21.20
CA LEU B 250 -3.77 -3.65 -20.35
C LEU B 250 -4.07 -4.92 -21.12
N VAL B 251 -5.10 -4.87 -21.99
CA VAL B 251 -5.55 -6.06 -22.72
C VAL B 251 -4.76 -6.28 -24.03
N SER B 252 -3.89 -5.33 -24.38
CA SER B 252 -3.02 -5.50 -25.55
C SER B 252 -1.89 -6.47 -25.25
N LYS B 253 -1.20 -6.90 -26.29
CA LYS B 253 0.01 -7.68 -26.13
C LYS B 253 1.02 -6.91 -25.28
N GLU B 254 1.15 -5.62 -25.55
CA GLU B 254 2.15 -4.78 -24.88
C GLU B 254 1.93 -4.55 -23.40
N GLY B 255 0.73 -4.84 -22.89
CA GLY B 255 0.43 -4.71 -21.46
C GLY B 255 0.81 -5.92 -20.62
N GLU B 256 1.39 -6.93 -21.23
CA GLU B 256 1.52 -8.26 -20.58
C GLU B 256 2.22 -8.22 -19.25
N TRP B 257 3.23 -7.36 -19.13
CA TRP B 257 4.05 -7.35 -17.94
C TRP B 257 3.42 -6.60 -16.79
N VAL B 258 2.28 -5.97 -17.03
CA VAL B 258 1.39 -5.52 -15.97
C VAL B 258 0.44 -6.67 -15.70
N ASN B 259 0.59 -7.28 -14.54
CA ASN B 259 -0.11 -8.50 -14.22
C ASN B 259 -0.28 -8.58 -12.72
N GLY B 260 -1.51 -8.84 -12.29
CA GLY B 260 -1.79 -8.91 -10.85
C GLY B 260 -1.89 -7.57 -10.15
N LYS B 261 -2.06 -6.49 -10.90
CA LYS B 261 -1.97 -5.12 -10.35
C LYS B 261 -3.30 -4.38 -10.40
N VAL B 262 -3.45 -3.41 -9.50
CA VAL B 262 -4.60 -2.50 -9.49
C VAL B 262 -4.08 -1.11 -9.83
N LEU B 263 -4.61 -0.50 -10.88
CA LEU B 263 -4.14 0.83 -11.28
C LEU B 263 -5.22 1.83 -10.93
N THR B 264 -4.90 2.75 -10.04
CA THR B 264 -5.85 3.78 -9.67
C THR B 264 -5.81 4.87 -10.77
N LEU B 265 -7.00 5.23 -11.26
CA LEU B 265 -7.13 6.18 -12.37
C LEU B 265 -7.95 7.39 -11.90
N ASP B 266 -7.27 8.37 -11.32
CA ASP B 266 -7.94 9.51 -10.73
C ASP B 266 -7.29 10.84 -11.15
N GLY B 267 -6.51 10.80 -12.22
CA GLY B 267 -5.82 11.99 -12.70
C GLY B 267 -4.87 12.60 -11.73
N GLY B 268 -4.38 11.80 -10.76
CA GLY B 268 -3.45 12.32 -9.74
C GLY B 268 -4.08 12.92 -8.49
N ALA B 269 -5.37 12.66 -8.27
CA ALA B 269 -6.07 13.13 -7.04
C ALA B 269 -5.47 12.55 -5.76
N ALA B 270 -5.26 11.23 -5.73
CA ALA B 270 -4.73 10.55 -4.52
C ALA B 270 -3.38 11.15 -4.05
N PRO C 13 5.77 -6.16 32.24
CA PRO C 13 4.61 -6.49 31.38
C PRO C 13 4.12 -5.21 30.61
N GLY C 14 4.75 -5.03 29.45
CA GLY C 14 4.85 -3.76 28.72
C GLY C 14 5.91 -2.83 29.33
N ARG C 15 6.54 -3.26 30.41
CA ARG C 15 7.52 -2.45 31.12
C ARG C 15 8.91 -2.79 30.61
N LEU C 16 9.86 -1.93 30.97
CA LEU C 16 11.21 -1.97 30.40
C LEU C 16 12.25 -1.91 31.49
N ASP C 17 11.93 -2.41 32.66
CA ASP C 17 12.86 -2.36 33.79
C ASP C 17 14.13 -3.15 33.46
N GLY C 18 15.29 -2.56 33.73
CA GLY C 18 16.58 -3.16 33.39
C GLY C 18 17.07 -2.84 31.99
N LYS C 19 16.20 -2.24 31.17
CA LYS C 19 16.57 -1.93 29.78
C LYS C 19 17.16 -0.55 29.65
N VAL C 20 17.94 -0.37 28.59
CA VAL C 20 18.54 0.90 28.27
C VAL C 20 18.09 1.31 26.89
N ALA C 21 17.63 2.55 26.76
CA ALA C 21 17.10 3.09 25.53
C ALA C 21 17.86 4.34 25.13
N LEU C 22 17.88 4.61 23.82
CA LEU C 22 18.41 5.85 23.28
C LEU C 22 17.36 6.44 22.35
N VAL C 23 17.14 7.74 22.45
CA VAL C 23 16.20 8.46 21.56
C VAL C 23 16.90 9.68 20.95
N THR C 24 17.01 9.72 19.62
CA THR C 24 17.63 10.87 18.94
C THR C 24 16.66 12.04 18.92
N GLY C 25 17.16 13.25 19.15
CA GLY C 25 16.33 14.44 19.17
C GLY C 25 15.25 14.42 20.21
N SER C 26 15.61 14.07 21.43
CA SER C 26 14.63 13.90 22.51
C SER C 26 14.71 15.02 23.52
N GLY C 27 15.30 16.15 23.12
CA GLY C 27 15.23 17.36 23.93
C GLY C 27 13.83 17.98 23.90
N ARG C 28 13.10 17.76 22.81
CA ARG C 28 11.79 18.40 22.64
C ARG C 28 10.93 17.66 21.65
N GLY C 29 9.67 18.08 21.55
CA GLY C 29 8.73 17.47 20.62
C GLY C 29 8.47 16.01 20.92
N ILE C 30 8.25 15.25 19.86
CA ILE C 30 7.88 13.84 19.96
C ILE C 30 8.96 13.06 20.69
N GLY C 31 10.22 13.33 20.33
CA GLY C 31 11.36 12.68 20.97
C GLY C 31 11.34 12.83 22.47
N ALA C 32 10.99 14.02 22.97
CA ALA C 32 10.95 14.28 24.42
C ALA C 32 9.95 13.36 25.08
N ALA C 33 8.76 13.26 24.52
CA ALA C 33 7.69 12.46 25.09
C ALA C 33 8.05 10.97 25.05
N VAL C 34 8.69 10.54 23.96
CA VAL C 34 9.15 9.16 23.85
C VAL C 34 10.17 8.89 24.96
N ALA C 35 11.15 9.76 25.12
CA ALA C 35 12.20 9.58 26.13
C ALA C 35 11.61 9.47 27.55
N VAL C 36 10.76 10.43 27.92
CA VAL C 36 10.14 10.44 29.24
C VAL C 36 9.33 9.16 29.46
N HIS C 37 8.60 8.75 28.43
CA HIS C 37 7.75 7.58 28.52
C HIS C 37 8.52 6.29 28.67
N LEU C 38 9.62 6.14 27.94
CA LEU C 38 10.45 4.94 28.08
C LEU C 38 11.04 4.86 29.49
N GLY C 39 11.42 6.02 30.01
CA GLY C 39 11.82 6.15 31.40
C GLY C 39 10.69 5.78 32.36
N ARG C 40 9.47 6.22 32.07
CA ARG C 40 8.31 5.89 32.92
C ARG C 40 8.07 4.38 32.91
N LEU C 41 8.38 3.72 31.79
CA LEU C 41 8.26 2.26 31.68
C LEU C 41 9.43 1.51 32.34
N GLY C 42 10.45 2.24 32.80
CA GLY C 42 11.51 1.66 33.60
C GLY C 42 12.88 1.66 32.95
N ALA C 43 12.94 2.13 31.71
CA ALA C 43 14.20 2.12 30.97
C ALA C 43 15.09 3.25 31.47
N LYS C 44 16.40 3.02 31.43
CA LYS C 44 17.36 4.10 31.52
C LYS C 44 17.46 4.69 30.13
N VAL C 45 17.59 6.01 30.02
CA VAL C 45 17.47 6.67 28.72
C VAL C 45 18.64 7.57 28.38
N VAL C 46 19.15 7.43 27.16
CA VAL C 46 20.12 8.39 26.62
C VAL C 46 19.31 9.39 25.83
N VAL C 47 19.36 10.66 26.28
CA VAL C 47 18.64 11.75 25.65
C VAL C 47 19.58 12.50 24.71
N ASN C 48 19.46 12.24 23.42
CA ASN C 48 20.31 12.94 22.44
C ASN C 48 19.65 14.25 21.98
N TYR C 49 20.49 15.26 21.76
CA TYR C 49 20.07 16.52 21.22
C TYR C 49 21.19 17.06 20.34
N ALA C 50 20.87 18.08 19.54
CA ALA C 50 21.87 18.75 18.68
C ALA C 50 22.07 20.23 19.05
N ASN C 51 21.00 20.90 19.48
CA ASN C 51 21.01 22.33 19.85
C ASN C 51 20.30 22.66 21.17
N SER C 52 19.25 21.91 21.50
CA SER C 52 18.38 22.20 22.65
C SER C 52 18.92 21.67 23.97
N THR C 53 20.02 22.26 24.43
CA THR C 53 20.67 21.82 25.64
C THR C 53 19.74 21.85 26.87
N LYS C 54 19.13 23.00 27.15
CA LYS C 54 18.32 23.17 28.37
C LYS C 54 17.12 22.22 28.37
N ASP C 55 16.48 22.09 27.22
CA ASP C 55 15.37 21.16 27.08
C ASP C 55 15.79 19.71 27.30
N ALA C 56 16.93 19.30 26.75
CA ALA C 56 17.46 17.93 27.01
C ALA C 56 17.67 17.72 28.49
N GLU C 57 18.19 18.72 29.20
CA GLU C 57 18.38 18.58 30.64
C GLU C 57 17.08 18.47 31.40
N LYS C 58 16.05 19.22 30.97
CA LYS C 58 14.71 19.07 31.54
C LYS C 58 14.21 17.64 31.39
N VAL C 59 14.39 17.05 30.20
CA VAL C 59 13.94 15.68 29.96
C VAL C 59 14.68 14.70 30.86
N VAL C 60 16.01 14.85 30.93
CA VAL C 60 16.84 14.04 31.83
C VAL C 60 16.31 14.13 33.26
N SER C 61 16.10 15.34 33.75
CA SER C 61 15.57 15.59 35.09
C SER C 61 14.22 14.92 35.36
N GLU C 62 13.32 15.00 34.37
CA GLU C 62 11.99 14.39 34.52
C GLU C 62 12.12 12.86 34.62
N ILE C 63 13.03 12.27 33.83
CA ILE C 63 13.25 10.82 33.86
C ILE C 63 13.83 10.38 35.22
N LYS C 64 14.80 11.14 35.75
CA LYS C 64 15.30 10.89 37.08
C LYS C 64 14.22 11.05 38.17
N ALA C 65 13.34 12.04 37.99
CA ALA C 65 12.29 12.32 38.98
C ALA C 65 11.30 11.17 39.06
N LEU C 66 10.95 10.59 37.92
CA LEU C 66 10.04 9.45 37.97
C LEU C 66 10.77 8.12 38.29
N GLY C 67 12.03 8.19 38.72
CA GLY C 67 12.69 7.06 39.39
C GLY C 67 13.60 6.23 38.49
N SER C 68 13.96 6.77 37.34
CA SER C 68 14.87 6.07 36.46
C SER C 68 16.16 6.88 36.32
N ASP C 69 17.00 6.55 35.36
CA ASP C 69 18.22 7.29 35.14
C ASP C 69 18.35 7.71 33.69
N ALA C 70 19.06 8.80 33.45
CA ALA C 70 19.21 9.34 32.10
C ALA C 70 20.43 10.23 31.98
N ILE C 71 20.88 10.39 30.75
CA ILE C 71 22.01 11.25 30.45
C ILE C 71 21.67 11.97 29.13
N ALA C 72 22.02 13.26 29.06
CA ALA C 72 21.92 14.00 27.79
C ALA C 72 23.26 13.92 27.05
N ILE C 73 23.24 13.57 25.76
CA ILE C 73 24.45 13.53 24.97
C ILE C 73 24.25 14.28 23.63
N LYS C 74 25.06 15.31 23.43
CA LYS C 74 25.05 16.08 22.19
C LYS C 74 25.65 15.32 21.01
N ALA C 75 24.89 15.21 19.91
CA ALA C 75 25.41 14.66 18.65
C ALA C 75 24.61 15.18 17.48
N ASP C 76 25.32 15.65 16.47
CA ASP C 76 24.71 16.07 15.22
C ASP C 76 24.48 14.85 14.35
N ILE C 77 23.22 14.43 14.23
CA ILE C 77 22.88 13.18 13.59
C ILE C 77 23.11 13.21 12.07
N ARG C 78 23.39 14.39 11.51
CA ARG C 78 23.85 14.48 10.14
C ARG C 78 25.26 13.93 9.96
N GLN C 79 26.04 13.89 11.04
CA GLN C 79 27.43 13.45 10.97
C GLN C 79 27.55 12.02 11.45
N VAL C 80 27.79 11.10 10.53
CA VAL C 80 27.88 9.68 10.88
C VAL C 80 28.94 9.40 11.95
N PRO C 81 30.11 10.05 11.87
CA PRO C 81 31.06 9.82 12.97
C PRO C 81 30.52 10.23 14.35
N GLU C 82 29.63 11.21 14.41
CA GLU C 82 28.99 11.59 15.68
C GLU C 82 27.90 10.61 16.13
N ILE C 83 27.25 9.95 15.17
CA ILE C 83 26.31 8.88 15.48
C ILE C 83 27.08 7.74 16.15
N VAL C 84 28.24 7.39 15.60
CA VAL C 84 29.09 6.33 16.11
C VAL C 84 29.48 6.64 17.56
N LYS C 85 30.02 7.84 17.77
CA LYS C 85 30.36 8.30 19.11
C LYS C 85 29.19 8.27 20.07
N LEU C 86 28.04 8.72 19.60
CA LEU C 86 26.83 8.75 20.44
C LEU C 86 26.57 7.35 21.02
N PHE C 87 26.54 6.36 20.14
CA PHE C 87 26.28 4.98 20.56
C PHE C 87 27.40 4.41 21.39
N ASP C 88 28.66 4.74 21.05
CA ASP C 88 29.79 4.30 21.87
C ASP C 88 29.67 4.84 23.30
N GLN C 89 29.29 6.12 23.43
CA GLN C 89 29.17 6.78 24.74
C GLN C 89 27.96 6.19 25.49
N ALA C 90 26.91 5.84 24.76
CA ALA C 90 25.72 5.23 25.32
C ALA C 90 26.06 3.92 26.03
N VAL C 91 26.75 3.03 25.32
CA VAL C 91 27.15 1.72 25.85
C VAL C 91 28.20 1.86 26.96
N ALA C 92 29.17 2.75 26.77
CA ALA C 92 30.18 2.97 27.80
C ALA C 92 29.53 3.49 29.12
N HIS C 93 28.50 4.35 29.03
CA HIS C 93 27.88 4.91 30.23
C HIS C 93 26.99 3.94 30.96
N PHE C 94 26.07 3.28 30.25
CA PHE C 94 25.12 2.38 30.89
C PHE C 94 25.48 0.88 30.82
N GLY C 95 26.52 0.51 30.09
CA GLY C 95 26.99 -0.89 30.03
C GLY C 95 26.44 -1.67 28.85
N HIS C 96 25.24 -1.32 28.41
CA HIS C 96 24.61 -1.96 27.25
C HIS C 96 23.53 -1.07 26.71
N LEU C 97 23.04 -1.39 25.52
CA LEU C 97 21.92 -0.67 24.91
C LEU C 97 20.97 -1.69 24.31
N ASP C 98 19.68 -1.53 24.61
CA ASP C 98 18.64 -2.47 24.19
C ASP C 98 17.67 -1.90 23.13
N ILE C 99 17.45 -0.58 23.19
CA ILE C 99 16.41 0.09 22.45
C ILE C 99 16.94 1.38 21.84
N ALA C 100 16.70 1.56 20.54
CA ALA C 100 17.11 2.75 19.85
C ALA C 100 15.90 3.30 19.11
N VAL C 101 15.53 4.54 19.43
CA VAL C 101 14.50 5.24 18.71
C VAL C 101 15.12 6.40 17.92
N SER C 102 14.95 6.33 16.61
CA SER C 102 15.45 7.37 15.71
C SER C 102 14.30 8.30 15.43
N ASN C 103 14.43 9.52 15.92
CA ASN C 103 13.34 10.50 15.91
C ASN C 103 13.70 11.83 15.25
N SER C 104 14.97 12.21 15.29
CA SER C 104 15.38 13.52 14.76
C SER C 104 14.95 13.73 13.31
N GLY C 105 14.39 14.90 13.02
CA GLY C 105 13.97 15.24 11.66
C GLY C 105 13.66 16.72 11.50
N VAL C 106 13.64 17.16 10.25
CA VAL C 106 13.23 18.51 9.89
C VAL C 106 12.19 18.43 8.79
N VAL C 107 11.37 19.46 8.70
CA VAL C 107 10.33 19.55 7.70
C VAL C 107 10.73 20.58 6.65
N SER C 108 10.15 20.47 5.46
CA SER C 108 10.44 21.40 4.35
C SER C 108 9.20 21.50 3.48
N PHE C 109 8.99 22.67 2.88
CA PHE C 109 7.96 22.92 1.90
C PHE C 109 8.52 23.73 0.74
N GLY C 110 8.02 23.45 -0.46
CA GLY C 110 8.43 24.16 -1.65
C GLY C 110 7.99 23.39 -2.88
N HIS C 111 7.52 24.12 -3.86
CA HIS C 111 7.25 23.56 -5.16
C HIS C 111 8.52 22.96 -5.71
N LEU C 112 8.39 21.79 -6.34
CA LEU C 112 9.50 21.14 -7.00
C LEU C 112 10.42 22.11 -7.78
N LYS C 113 9.81 23.03 -8.51
CA LYS C 113 10.57 23.93 -9.38
C LYS C 113 11.58 24.79 -8.64
N ASP C 114 11.37 25.00 -7.35
CA ASP C 114 12.21 25.90 -6.56
C ASP C 114 13.13 25.19 -5.59
N VAL C 115 13.07 23.86 -5.49
CA VAL C 115 13.91 23.17 -4.53
C VAL C 115 15.38 23.17 -4.98
N THR C 116 16.26 23.57 -4.07
CA THR C 116 17.70 23.68 -4.32
C THR C 116 18.43 22.44 -3.84
N GLU C 117 19.63 22.25 -4.36
CA GLU C 117 20.54 21.21 -3.88
C GLU C 117 20.71 21.27 -2.38
N GLU C 118 20.87 22.48 -1.88
CA GLU C 118 21.17 22.69 -0.47
C GLU C 118 19.98 22.27 0.40
N GLU C 119 18.77 22.58 -0.05
CA GLU C 119 17.57 22.18 0.70
C GLU C 119 17.35 20.67 0.66
N PHE C 120 17.55 20.06 -0.51
CA PHE C 120 17.53 18.61 -0.61
C PHE C 120 18.49 17.99 0.43
N ASP C 121 19.73 18.48 0.44
CA ASP C 121 20.76 17.90 1.30
C ASP C 121 20.45 18.16 2.77
N ARG C 122 19.92 19.35 3.09
CA ARG C 122 19.54 19.69 4.47
C ARG C 122 18.52 18.68 5.00
N VAL C 123 17.55 18.34 4.16
CA VAL C 123 16.49 17.44 4.58
C VAL C 123 16.94 15.97 4.62
N PHE C 124 17.51 15.51 3.51
CA PHE C 124 17.89 14.09 3.40
C PHE C 124 19.01 13.70 4.33
N SER C 125 19.96 14.60 4.54
CA SER C 125 21.09 14.31 5.42
C SER C 125 20.64 13.92 6.82
N LEU C 126 19.55 14.51 7.30
CA LEU C 126 19.02 14.16 8.62
C LEU C 126 17.93 13.10 8.58
N ASN C 127 16.89 13.38 7.78
CA ASN C 127 15.69 12.52 7.78
C ASN C 127 15.90 11.10 7.26
N THR C 128 16.87 10.94 6.38
CA THR C 128 17.02 9.67 5.64
C THR C 128 18.39 9.08 5.89
N ARG C 129 19.44 9.81 5.51
CA ARG C 129 20.81 9.33 5.72
C ARG C 129 21.07 9.17 7.21
N GLY C 130 20.73 10.20 7.98
CA GLY C 130 20.93 10.15 9.44
C GLY C 130 20.21 8.99 10.09
N GLN C 131 18.94 8.81 9.76
CA GLN C 131 18.18 7.68 10.27
C GLN C 131 18.78 6.34 9.86
N PHE C 132 19.26 6.25 8.62
CA PHE C 132 19.88 5.00 8.14
C PHE C 132 21.06 4.62 9.04
N PHE C 133 21.91 5.58 9.32
CA PHE C 133 23.12 5.29 10.09
C PHE C 133 22.90 5.21 11.60
N VAL C 134 21.82 5.81 12.11
CA VAL C 134 21.37 5.52 13.48
C VAL C 134 20.94 4.04 13.59
N ALA C 135 20.20 3.56 12.59
CA ALA C 135 19.83 2.15 12.54
C ALA C 135 21.07 1.27 12.44
N ARG C 136 22.03 1.65 11.60
CA ARG C 136 23.26 0.84 11.47
C ARG C 136 23.97 0.75 12.82
N GLU C 137 24.19 1.89 13.45
CA GLU C 137 24.90 1.89 14.72
C GLU C 137 24.10 1.20 15.80
N ALA C 138 22.78 1.31 15.74
CA ALA C 138 21.92 0.60 16.68
C ALA C 138 22.11 -0.91 16.51
N TYR C 139 22.08 -1.42 15.28
CA TYR C 139 22.28 -2.85 15.08
C TYR C 139 23.62 -3.28 15.65
N ARG C 140 24.68 -2.52 15.38
CA ARG C 140 26.02 -2.89 15.86
C ARG C 140 26.15 -2.88 17.38
N HIS C 141 25.42 -2.01 18.05
CA HIS C 141 25.61 -1.82 19.51
C HIS C 141 24.61 -2.53 20.35
N LEU C 142 23.47 -2.88 19.79
CA LEU C 142 22.35 -3.42 20.58
C LEU C 142 22.61 -4.84 21.09
N THR C 143 22.03 -5.13 22.24
CA THR C 143 21.95 -6.50 22.75
C THR C 143 20.93 -7.30 21.95
N GLU C 144 21.11 -8.61 21.95
CA GLU C 144 20.16 -9.52 21.33
C GLU C 144 18.75 -9.36 21.92
N GLY C 145 17.73 -9.44 21.08
CA GLY C 145 16.35 -9.25 21.52
C GLY C 145 15.96 -7.79 21.59
N GLY C 146 16.80 -6.91 21.04
CA GLY C 146 16.59 -5.48 21.09
C GLY C 146 15.54 -4.94 20.13
N ARG C 147 15.49 -3.62 20.03
CA ARG C 147 14.40 -2.91 19.36
C ARG C 147 14.94 -1.67 18.68
N ILE C 148 14.59 -1.49 17.40
CA ILE C 148 14.88 -0.26 16.66
C ILE C 148 13.57 0.28 16.08
N VAL C 149 13.31 1.57 16.28
CA VAL C 149 12.15 2.24 15.73
C VAL C 149 12.64 3.53 15.07
N LEU C 150 12.29 3.69 13.79
CA LEU C 150 12.56 4.92 13.05
C LEU C 150 11.26 5.72 12.91
N THR C 151 11.38 6.96 12.45
CA THR C 151 10.25 7.88 12.34
C THR C 151 10.04 8.27 10.88
N SER C 152 8.86 7.93 10.37
CA SER C 152 8.44 8.31 9.02
C SER C 152 7.41 9.43 9.14
N SER C 153 6.35 9.39 8.33
CA SER C 153 5.32 10.39 8.34
C SER C 153 4.12 9.87 7.58
N ASN C 154 2.93 10.38 7.89
CA ASN C 154 1.76 10.03 7.09
C ASN C 154 1.88 10.57 5.66
N THR C 155 2.75 11.55 5.45
CA THR C 155 2.95 12.13 4.10
C THR C 155 3.78 11.25 3.16
N SER C 156 4.40 10.23 3.71
CA SER C 156 5.13 9.25 2.94
C SER C 156 4.23 8.50 1.92
N LYS C 157 3.09 8.01 2.40
CA LYS C 157 2.16 7.19 1.61
C LYS C 157 0.72 7.61 1.71
N ASP C 158 0.28 8.04 2.89
CA ASP C 158 -1.15 8.12 3.19
C ASP C 158 -1.76 9.47 2.94
N PHE C 159 -0.96 10.52 2.89
CA PHE C 159 -1.45 11.89 2.85
C PHE C 159 -0.62 12.62 1.79
N SER C 160 -1.29 13.32 0.88
CA SER C 160 -0.63 13.95 -0.22
C SER C 160 -0.80 15.47 -0.14
N VAL C 161 0.32 16.17 0.05
CA VAL C 161 0.30 17.61 0.24
C VAL C 161 1.08 18.29 -0.87
N PRO C 162 0.45 19.24 -1.57
CA PRO C 162 1.23 20.02 -2.54
C PRO C 162 2.47 20.66 -1.90
N LYS C 163 3.54 20.75 -2.67
CA LYS C 163 4.79 21.43 -2.27
C LYS C 163 5.50 20.73 -1.13
N HIS C 164 5.29 19.42 -1.01
CA HIS C 164 5.80 18.64 0.10
C HIS C 164 6.55 17.43 -0.38
N SER C 165 7.04 17.51 -1.62
CA SER C 165 7.64 16.33 -2.25
C SER C 165 8.96 15.91 -1.58
N LEU C 166 9.82 16.89 -1.28
CA LEU C 166 11.11 16.57 -0.68
C LEU C 166 10.97 15.79 0.63
N TYR C 167 10.16 16.33 1.54
CA TYR C 167 9.98 15.73 2.83
C TYR C 167 9.31 14.37 2.72
N SER C 168 8.27 14.30 1.89
CA SER C 168 7.51 13.06 1.71
C SER C 168 8.43 11.93 1.26
N GLY C 169 9.29 12.24 0.29
CA GLY C 169 10.28 11.27 -0.19
C GLY C 169 11.31 10.88 0.87
N SER C 170 11.71 11.84 1.71
CA SER C 170 12.69 11.57 2.75
C SER C 170 12.19 10.52 3.71
N LYS C 171 10.88 10.52 3.95
CA LYS C 171 10.25 9.53 4.80
C LYS C 171 9.81 8.27 4.06
N GLY C 172 9.54 8.36 2.77
CA GLY C 172 9.25 7.17 1.99
C GLY C 172 10.43 6.20 1.95
N ALA C 173 11.65 6.74 1.89
CA ALA C 173 12.84 5.87 2.02
C ALA C 173 12.86 5.10 3.34
N VAL C 174 12.46 5.76 4.42
CA VAL C 174 12.47 5.14 5.76
C VAL C 174 11.51 3.95 5.85
N ASP C 175 10.33 4.10 5.26
CA ASP C 175 9.36 2.99 5.19
C ASP C 175 9.95 1.73 4.58
N SER C 176 10.62 1.92 3.45
CA SER C 176 11.34 0.84 2.79
C SER C 176 12.48 0.29 3.64
N PHE C 177 13.31 1.19 4.19
CA PHE C 177 14.42 0.79 5.05
C PHE C 177 13.96 -0.22 6.11
N VAL C 178 12.87 0.09 6.84
CA VAL C 178 12.55 -0.67 8.02
C VAL C 178 12.14 -2.07 7.67
N ARG C 179 11.44 -2.21 6.55
CA ARG C 179 11.00 -3.52 6.10
C ARG C 179 12.21 -4.45 5.85
N ILE C 180 13.27 -3.91 5.25
CA ILE C 180 14.46 -4.71 4.94
C ILE C 180 15.41 -4.78 6.13
N PHE C 181 15.51 -3.70 6.91
CA PHE C 181 16.27 -3.74 8.16
C PHE C 181 15.81 -4.92 9.02
N SER C 182 14.51 -5.17 9.05
CA SER C 182 13.99 -6.24 9.91
C SER C 182 14.59 -7.57 9.47
N LYS C 183 14.88 -7.73 8.19
CA LYS C 183 15.47 -8.99 7.70
C LYS C 183 16.91 -9.13 8.19
N ASP C 184 17.72 -8.09 8.02
CA ASP C 184 19.11 -8.11 8.46
C ASP C 184 19.24 -8.18 9.99
N CYS C 185 18.43 -7.40 10.70
CA CYS C 185 18.51 -7.32 12.16
C CYS C 185 18.02 -8.56 12.90
N GLY C 186 17.27 -9.40 12.20
CA GLY C 186 16.82 -10.65 12.74
C GLY C 186 17.92 -11.59 13.18
N ASP C 187 19.14 -11.44 12.67
CA ASP C 187 20.19 -12.35 13.14
C ASP C 187 20.67 -11.98 14.55
N LYS C 188 20.22 -10.87 15.10
CA LYS C 188 20.35 -10.59 16.53
C LYS C 188 18.98 -10.54 17.26
N LYS C 189 17.95 -11.08 16.59
CA LYS C 189 16.58 -11.01 17.10
C LYS C 189 16.13 -9.59 17.45
N ILE C 190 16.56 -8.62 16.66
CA ILE C 190 16.20 -7.22 16.89
C ILE C 190 15.07 -6.92 15.92
N THR C 191 13.95 -6.39 16.44
CA THR C 191 12.87 -5.99 15.55
C THR C 191 13.13 -4.54 15.15
N VAL C 192 12.60 -4.17 13.99
CA VAL C 192 12.78 -2.84 13.43
C VAL C 192 11.46 -2.41 12.83
N ASN C 193 10.97 -1.26 13.28
CA ASN C 193 9.69 -0.73 12.81
C ASN C 193 9.80 0.77 12.62
N ALA C 194 8.77 1.39 12.10
CA ALA C 194 8.72 2.85 12.08
C ALA C 194 7.35 3.32 12.52
N VAL C 195 7.30 4.48 13.16
CA VAL C 195 6.05 5.19 13.41
C VAL C 195 5.97 6.36 12.40
N ALA C 196 4.81 6.56 11.82
CA ALA C 196 4.57 7.57 10.80
C ALA C 196 3.50 8.50 11.30
N PRO C 197 3.88 9.50 12.10
CA PRO C 197 2.82 10.35 12.66
C PRO C 197 2.15 11.23 11.60
N GLY C 198 0.88 11.57 11.83
CA GLY C 198 0.25 12.70 11.15
C GLY C 198 0.57 13.95 11.93
N GLY C 199 -0.20 15.01 11.69
CA GLY C 199 -0.03 16.28 12.38
C GLY C 199 -0.07 16.10 13.89
N THR C 200 1.06 16.37 14.52
CA THR C 200 1.24 16.18 15.95
C THR C 200 1.73 17.52 16.50
N VAL C 201 1.04 18.06 17.50
CA VAL C 201 1.31 19.40 17.99
C VAL C 201 2.67 19.47 18.69
N THR C 202 3.64 20.07 18.00
CA THR C 202 5.00 20.28 18.45
C THR C 202 5.41 21.61 17.83
N ASP C 203 6.67 22.01 17.99
CA ASP C 203 7.18 23.21 17.31
C ASP C 203 7.07 23.05 15.80
N MET C 204 7.33 21.85 15.29
CA MET C 204 7.21 21.59 13.84
C MET C 204 5.78 21.80 13.32
N PHE C 205 4.80 21.47 14.15
CA PHE C 205 3.41 21.69 13.78
C PHE C 205 3.13 23.15 13.50
N HIS C 206 3.53 24.01 14.43
CA HIS C 206 3.19 25.43 14.36
C HIS C 206 4.04 26.13 13.35
N GLU C 207 5.18 25.54 13.07
CA GLU C 207 6.06 26.02 12.03
C GLU C 207 5.35 26.03 10.67
N VAL C 208 4.60 24.97 10.38
CA VAL C 208 4.14 24.74 9.01
C VAL C 208 2.68 24.33 8.80
N SER C 209 1.84 24.44 9.83
CA SER C 209 0.42 24.06 9.74
C SER C 209 -0.36 24.79 8.61
N HIS C 210 0.10 25.98 8.25
CA HIS C 210 -0.52 26.75 7.18
C HIS C 210 -0.32 26.17 5.79
N HIS C 211 0.64 25.28 5.63
CA HIS C 211 0.88 24.64 4.35
C HIS C 211 -0.08 23.53 4.04
N TYR C 212 -0.67 22.94 5.08
CA TYR C 212 -1.59 21.81 4.91
C TYR C 212 -3.06 22.21 4.68
N ILE C 213 -3.38 23.50 4.72
CA ILE C 213 -4.77 23.98 4.62
C ILE C 213 -4.89 25.04 3.52
N PRO C 214 -5.98 24.98 2.73
CA PRO C 214 -6.17 26.03 1.73
C PRO C 214 -6.28 27.38 2.41
N ASN C 215 -5.58 28.37 1.87
CA ASN C 215 -5.50 29.72 2.46
C ASN C 215 -5.09 29.66 3.94
N GLY C 216 -4.19 28.72 4.30
CA GLY C 216 -3.81 28.47 5.68
C GLY C 216 -3.33 29.72 6.39
N THR C 217 -2.63 30.58 5.67
CA THR C 217 -2.11 31.84 6.21
C THR C 217 -3.19 32.81 6.72
N SER C 218 -4.40 32.76 6.17
CA SER C 218 -5.45 33.69 6.63
C SER C 218 -6.17 33.22 7.91
N TYR C 219 -5.80 32.05 8.45
CA TYR C 219 -6.31 31.59 9.74
C TYR C 219 -5.24 31.82 10.81
N THR C 220 -5.67 31.90 12.06
CA THR C 220 -4.75 31.96 13.19
C THR C 220 -4.17 30.58 13.44
N ALA C 221 -3.03 30.54 14.13
CA ALA C 221 -2.42 29.29 14.55
C ALA C 221 -3.42 28.40 15.31
N GLU C 222 -4.22 28.99 16.21
CA GLU C 222 -5.20 28.23 17.01
C GLU C 222 -6.22 27.58 16.09
N GLN C 223 -6.78 28.38 15.18
CA GLN C 223 -7.73 27.88 14.19
C GLN C 223 -7.17 26.73 13.36
N ARG C 224 -5.93 26.89 12.87
CA ARG C 224 -5.31 25.85 12.08
C ARG C 224 -5.18 24.57 12.87
N GLN C 225 -4.84 24.70 14.16
CA GLN C 225 -4.73 23.55 15.05
C GLN C 225 -6.08 22.87 15.23
N GLN C 226 -7.14 23.67 15.35
CA GLN C 226 -8.50 23.16 15.47
C GLN C 226 -8.90 22.41 14.20
N MET C 227 -8.57 22.97 13.05
CA MET C 227 -8.91 22.32 11.79
C MET C 227 -8.14 20.98 11.60
N ALA C 228 -6.89 20.93 12.07
CA ALA C 228 -6.14 19.66 12.04
C ALA C 228 -6.80 18.66 12.96
N ALA C 229 -7.36 19.15 14.06
CA ALA C 229 -8.10 18.33 14.98
C ALA C 229 -9.24 17.61 14.28
N HIS C 230 -9.98 18.35 13.46
CA HIS C 230 -11.17 17.81 12.80
C HIS C 230 -10.87 16.93 11.62
N ALA C 231 -9.61 16.82 11.23
CA ALA C 231 -9.17 15.86 10.20
C ALA C 231 -9.19 14.43 10.73
N SER C 232 -9.07 14.29 12.06
CA SER C 232 -9.28 13.00 12.69
C SER C 232 -10.74 12.84 13.00
N PRO C 233 -11.29 11.63 12.76
CA PRO C 233 -12.67 11.38 13.15
C PRO C 233 -12.87 11.40 14.68
N LEU C 234 -11.78 11.40 15.44
CA LEU C 234 -11.87 11.58 16.89
C LEU C 234 -11.93 13.06 17.32
N HIS C 235 -11.80 13.97 16.35
CA HIS C 235 -11.94 15.41 16.60
C HIS C 235 -11.02 15.91 17.69
N ARG C 236 -9.76 15.53 17.58
CA ARG C 236 -8.72 16.08 18.45
C ARG C 236 -7.43 16.04 17.72
N ASN C 237 -6.45 16.76 18.24
CA ASN C 237 -5.12 16.74 17.64
C ASN C 237 -4.35 15.53 18.07
N GLY C 238 -3.35 15.15 17.27
CA GLY C 238 -2.32 14.27 17.73
C GLY C 238 -1.34 15.02 18.63
N TRP C 239 -0.81 14.31 19.64
CA TRP C 239 0.11 14.86 20.62
C TRP C 239 1.32 13.99 20.72
N PRO C 240 2.47 14.53 21.16
CA PRO C 240 3.65 13.68 21.32
C PRO C 240 3.39 12.42 22.13
N GLN C 241 2.53 12.49 23.15
CA GLN C 241 2.22 11.32 23.96
C GLN C 241 1.58 10.18 23.14
N ASP C 242 0.84 10.53 22.09
CA ASP C 242 0.20 9.52 21.25
C ASP C 242 1.23 8.67 20.55
N VAL C 243 2.28 9.30 20.06
CA VAL C 243 3.39 8.58 19.42
C VAL C 243 4.19 7.80 20.46
N ALA C 244 4.44 8.42 21.61
CA ALA C 244 5.15 7.78 22.71
C ALA C 244 4.48 6.48 23.17
N ASN C 245 3.15 6.52 23.30
CA ASN C 245 2.38 5.35 23.67
C ASN C 245 2.61 4.14 22.74
N VAL C 246 2.66 4.40 21.44
CA VAL C 246 2.87 3.36 20.45
C VAL C 246 4.32 2.89 20.42
N VAL C 247 5.27 3.82 20.49
CA VAL C 247 6.68 3.42 20.53
C VAL C 247 6.91 2.50 21.74
N GLY C 248 6.36 2.89 22.89
CA GLY C 248 6.44 2.11 24.11
C GLY C 248 5.99 0.68 23.96
N PHE C 249 4.87 0.47 23.29
CA PHE C 249 4.45 -0.88 22.97
C PHE C 249 5.39 -1.60 21.99
N LEU C 250 5.81 -0.94 20.94
CA LEU C 250 6.65 -1.57 19.92
C LEU C 250 7.98 -2.06 20.51
N VAL C 251 8.55 -1.29 21.44
CA VAL C 251 9.82 -1.62 22.04
C VAL C 251 9.71 -2.55 23.27
N SER C 252 8.46 -2.87 23.68
CA SER C 252 8.25 -3.84 24.76
C SER C 252 8.41 -5.27 24.25
N LYS C 253 8.48 -6.21 25.17
CA LYS C 253 8.49 -7.63 24.82
C LYS C 253 7.23 -7.97 24.00
N GLU C 254 6.09 -7.44 24.44
CA GLU C 254 4.81 -7.76 23.84
C GLU C 254 4.61 -7.24 22.42
N GLY C 255 5.44 -6.30 21.97
CA GLY C 255 5.38 -5.80 20.59
C GLY C 255 6.20 -6.61 19.55
N GLU C 256 6.78 -7.72 19.98
CA GLU C 256 7.78 -8.41 19.16
C GLU C 256 7.26 -8.80 17.79
N TRP C 257 6.00 -9.20 17.72
CA TRP C 257 5.46 -9.72 16.49
C TRP C 257 5.06 -8.65 15.49
N VAL C 258 5.13 -7.39 15.91
CA VAL C 258 5.15 -6.27 14.97
C VAL C 258 6.61 -6.05 14.62
N ASN C 259 6.97 -6.32 13.37
CA ASN C 259 8.35 -6.28 12.95
C ASN C 259 8.37 -5.99 11.45
N GLY C 260 9.20 -5.04 11.06
CA GLY C 260 9.31 -4.65 9.66
C GLY C 260 8.17 -3.78 9.15
N LYS C 261 7.43 -3.15 10.05
CA LYS C 261 6.19 -2.47 9.68
C LYS C 261 6.29 -0.96 9.94
N VAL C 262 5.47 -0.20 9.21
CA VAL C 262 5.31 1.22 9.43
C VAL C 262 3.89 1.46 9.90
N LEU C 263 3.72 2.05 11.09
CA LEU C 263 2.39 2.28 11.66
C LEU C 263 2.08 3.76 11.56
N THR C 264 1.07 4.10 10.76
CA THR C 264 0.67 5.48 10.61
C THR C 264 -0.18 5.87 11.83
N LEU C 265 0.17 6.99 12.47
CA LEU C 265 -0.46 7.44 13.70
C LEU C 265 -1.07 8.82 13.47
N ASP C 266 -2.30 8.82 13.01
CA ASP C 266 -2.99 10.04 12.62
C ASP C 266 -4.40 10.08 13.15
N GLY C 267 -4.70 9.24 14.14
CA GLY C 267 -6.02 9.22 14.76
C GLY C 267 -7.13 8.89 13.79
N GLY C 268 -6.80 8.23 12.69
CA GLY C 268 -7.81 7.81 11.71
C GLY C 268 -8.08 8.80 10.58
N ALA C 269 -7.20 9.78 10.40
CA ALA C 269 -7.42 10.81 9.35
C ALA C 269 -7.37 10.23 7.94
N ALA C 270 -6.39 9.37 7.65
CA ALA C 270 -6.19 8.80 6.28
C ALA C 270 -7.43 8.02 5.77
N THR D 10 -7.84 3.61 -39.96
CA THR D 10 -7.93 2.76 -38.75
C THR D 10 -7.08 3.34 -37.60
N TYR D 11 -7.56 3.15 -36.36
CA TYR D 11 -6.97 3.78 -35.16
C TYR D 11 -5.66 3.12 -34.69
N ILE D 12 -4.66 3.97 -34.43
CA ILE D 12 -3.34 3.56 -33.98
C ILE D 12 -3.08 4.16 -32.59
N PRO D 13 -3.06 3.30 -31.55
CA PRO D 13 -2.94 3.81 -30.20
C PRO D 13 -1.54 4.21 -29.78
N GLY D 14 -1.48 5.21 -28.92
CA GLY D 14 -0.34 5.39 -28.08
C GLY D 14 0.91 5.86 -28.75
N ARG D 15 0.74 6.63 -29.81
CA ARG D 15 1.87 7.12 -30.56
C ARG D 15 2.31 8.45 -30.04
N LEU D 16 3.52 8.86 -30.43
CA LEU D 16 4.18 10.05 -29.91
C LEU D 16 4.71 10.94 -31.04
N ASP D 17 4.04 10.91 -32.18
CA ASP D 17 4.49 11.68 -33.35
C ASP D 17 4.48 13.17 -32.99
N GLY D 18 5.57 13.85 -33.32
CA GLY D 18 5.70 15.27 -33.05
C GLY D 18 6.30 15.56 -31.69
N LYS D 19 6.41 14.54 -30.86
CA LYS D 19 6.94 14.73 -29.51
C LYS D 19 8.47 14.58 -29.46
N VAL D 20 9.05 15.19 -28.45
CA VAL D 20 10.46 15.06 -28.16
C VAL D 20 10.61 14.51 -26.75
N ALA D 21 11.41 13.45 -26.62
CA ALA D 21 11.62 12.76 -25.36
C ALA D 21 13.11 12.77 -24.99
N LEU D 22 13.37 12.72 -23.69
CA LEU D 22 14.72 12.54 -23.16
C LEU D 22 14.68 11.35 -22.19
N VAL D 23 15.65 10.46 -22.31
CA VAL D 23 15.76 9.29 -21.45
C VAL D 23 17.16 9.26 -20.84
N THR D 24 17.25 9.33 -19.51
CA THR D 24 18.55 9.27 -18.84
C THR D 24 19.07 7.83 -18.81
N GLY D 25 20.37 7.66 -19.02
CA GLY D 25 20.98 6.34 -19.02
C GLY D 25 20.41 5.40 -20.06
N SER D 26 20.28 5.91 -21.28
CA SER D 26 19.66 5.15 -22.37
C SER D 26 20.69 4.64 -23.39
N GLY D 27 21.95 4.59 -22.99
CA GLY D 27 22.96 3.89 -23.76
C GLY D 27 22.80 2.36 -23.74
N ARG D 28 22.24 1.83 -22.65
CA ARG D 28 22.10 0.39 -22.48
C ARG D 28 21.01 0.02 -21.50
N GLY D 29 20.72 -1.27 -21.39
CA GLY D 29 19.73 -1.80 -20.47
C GLY D 29 18.33 -1.28 -20.76
N ILE D 30 17.55 -1.10 -19.69
CA ILE D 30 16.17 -0.68 -19.82
C ILE D 30 16.08 0.66 -20.57
N GLY D 31 16.96 1.59 -20.22
CA GLY D 31 16.98 2.91 -20.84
C GLY D 31 17.09 2.83 -22.35
N ALA D 32 17.95 1.93 -22.83
CA ALA D 32 18.15 1.77 -24.28
C ALA D 32 16.84 1.33 -24.96
N ALA D 33 16.17 0.34 -24.38
CA ALA D 33 14.91 -0.17 -24.94
C ALA D 33 13.84 0.91 -24.88
N VAL D 34 13.79 1.69 -23.80
CA VAL D 34 12.82 2.80 -23.70
C VAL D 34 13.08 3.82 -24.80
N ALA D 35 14.33 4.25 -24.96
CA ALA D 35 14.68 5.24 -25.99
C ALA D 35 14.29 4.76 -27.40
N VAL D 36 14.70 3.55 -27.77
CA VAL D 36 14.40 3.01 -29.08
C VAL D 36 12.88 2.91 -29.29
N HIS D 37 12.18 2.49 -28.26
CA HIS D 37 10.74 2.34 -28.35
C HIS D 37 9.98 3.65 -28.51
N LEU D 38 10.41 4.68 -27.79
CA LEU D 38 9.79 5.99 -27.93
C LEU D 38 9.99 6.50 -29.35
N GLY D 39 11.18 6.25 -29.89
CA GLY D 39 11.48 6.55 -31.29
C GLY D 39 10.57 5.78 -32.24
N ARG D 40 10.32 4.50 -31.93
CA ARG D 40 9.42 3.69 -32.75
C ARG D 40 7.98 4.22 -32.68
N LEU D 41 7.60 4.79 -31.54
CA LEU D 41 6.28 5.40 -31.39
C LEU D 41 6.19 6.79 -32.03
N GLY D 42 7.31 7.32 -32.52
CA GLY D 42 7.31 8.54 -33.32
C GLY D 42 8.01 9.73 -32.66
N ALA D 43 8.53 9.55 -31.46
CA ALA D 43 9.24 10.61 -30.75
C ALA D 43 10.63 10.81 -31.31
N LYS D 44 11.11 12.05 -31.26
CA LYS D 44 12.53 12.33 -31.40
C LYS D 44 13.13 12.16 -30.01
N VAL D 45 14.34 11.62 -29.91
CA VAL D 45 14.85 11.17 -28.60
C VAL D 45 16.24 11.71 -28.28
N VAL D 46 16.39 12.22 -27.07
CA VAL D 46 17.70 12.58 -26.56
C VAL D 46 18.17 11.41 -25.74
N VAL D 47 19.29 10.83 -26.16
CA VAL D 47 19.88 9.68 -25.52
C VAL D 47 20.98 10.16 -24.59
N ASN D 48 20.71 10.17 -23.29
CA ASN D 48 21.71 10.53 -22.31
C ASN D 48 22.48 9.32 -21.85
N TYR D 49 23.77 9.54 -21.62
CA TYR D 49 24.65 8.53 -21.08
C TYR D 49 25.66 9.23 -20.19
N ALA D 50 26.36 8.44 -19.38
CA ALA D 50 27.42 8.96 -18.50
C ALA D 50 28.81 8.35 -18.80
N ASN D 51 28.83 7.07 -19.19
CA ASN D 51 30.05 6.33 -19.50
C ASN D 51 29.98 5.55 -20.83
N SER D 52 28.81 5.05 -21.20
CA SER D 52 28.67 4.16 -22.35
C SER D 52 28.54 4.92 -23.68
N THR D 53 29.62 5.58 -24.09
CA THR D 53 29.62 6.37 -25.32
C THR D 53 29.22 5.58 -26.56
N LYS D 54 29.90 4.46 -26.82
CA LYS D 54 29.67 3.71 -28.06
C LYS D 54 28.25 3.16 -28.08
N ASP D 55 27.79 2.64 -26.95
CA ASP D 55 26.43 2.14 -26.85
C ASP D 55 25.39 3.24 -27.10
N ALA D 56 25.60 4.43 -26.53
CA ALA D 56 24.70 5.56 -26.79
C ALA D 56 24.62 5.87 -28.27
N GLU D 57 25.76 5.84 -28.97
CA GLU D 57 25.75 6.10 -30.41
C GLU D 57 25.01 5.02 -31.20
N LYS D 58 25.15 3.76 -30.78
CA LYS D 58 24.37 2.66 -31.38
C LYS D 58 22.87 2.90 -31.23
N VAL D 59 22.44 3.31 -30.04
CA VAL D 59 21.03 3.60 -29.81
C VAL D 59 20.55 4.75 -30.72
N VAL D 60 21.31 5.83 -30.78
CA VAL D 60 21.00 6.98 -31.64
C VAL D 60 20.81 6.48 -33.08
N SER D 61 21.78 5.69 -33.56
CA SER D 61 21.72 5.11 -34.90
C SER D 61 20.48 4.29 -35.16
N GLU D 62 20.10 3.48 -34.16
CA GLU D 62 18.94 2.61 -34.27
C GLU D 62 17.67 3.45 -34.41
N ILE D 63 17.57 4.54 -33.65
CA ILE D 63 16.39 5.41 -33.66
C ILE D 63 16.30 6.11 -35.03
N LYS D 64 17.42 6.56 -35.56
CA LYS D 64 17.44 7.11 -36.92
C LYS D 64 17.04 6.08 -37.98
N ALA D 65 17.50 4.84 -37.78
CA ALA D 65 17.23 3.77 -38.75
C ALA D 65 15.75 3.43 -38.82
N LEU D 66 15.08 3.43 -37.69
CA LEU D 66 13.66 3.18 -37.73
C LEU D 66 12.83 4.45 -38.09
N GLY D 67 13.50 5.53 -38.54
CA GLY D 67 12.84 6.64 -39.22
C GLY D 67 12.55 7.87 -38.37
N SER D 68 13.20 7.94 -37.20
CA SER D 68 13.01 9.09 -36.32
C SER D 68 14.34 9.80 -36.17
N ASP D 69 14.45 10.73 -35.23
CA ASP D 69 15.72 11.43 -35.03
C ASP D 69 16.15 11.34 -33.58
N ALA D 70 17.47 11.42 -33.35
CA ALA D 70 18.03 11.30 -32.03
C ALA D 70 19.39 11.96 -31.92
N ILE D 71 19.79 12.27 -30.69
CA ILE D 71 21.11 12.82 -30.40
C ILE D 71 21.57 12.26 -29.06
N ALA D 72 22.87 11.96 -28.95
CA ALA D 72 23.44 11.47 -27.68
C ALA D 72 24.00 12.66 -26.92
N ILE D 73 23.69 12.78 -25.63
CA ILE D 73 24.28 13.83 -24.80
C ILE D 73 24.82 13.28 -23.49
N LYS D 74 26.12 13.43 -23.29
CA LYS D 74 26.78 13.02 -22.05
C LYS D 74 26.40 13.95 -20.90
N ALA D 75 25.94 13.38 -19.81
CA ALA D 75 25.74 14.14 -18.57
C ALA D 75 25.72 13.19 -17.35
N ASP D 76 26.52 13.52 -16.34
CA ASP D 76 26.57 12.76 -15.10
C ASP D 76 25.42 13.20 -14.24
N ILE D 77 24.41 12.33 -14.12
CA ILE D 77 23.17 12.68 -13.43
C ILE D 77 23.33 12.87 -11.92
N ARG D 78 24.48 12.50 -11.36
CA ARG D 78 24.80 12.88 -9.98
C ARG D 78 25.08 14.38 -9.81
N GLN D 79 25.44 15.05 -10.89
CA GLN D 79 25.80 16.46 -10.85
C GLN D 79 24.64 17.29 -11.33
N VAL D 80 23.99 18.00 -10.41
CA VAL D 80 22.86 18.83 -10.77
C VAL D 80 23.18 19.84 -11.88
N PRO D 81 24.35 20.52 -11.80
CA PRO D 81 24.65 21.45 -12.91
C PRO D 81 24.72 20.77 -14.29
N GLU D 82 25.09 19.49 -14.32
CA GLU D 82 25.07 18.73 -15.57
C GLU D 82 23.67 18.32 -16.00
N ILE D 83 22.77 18.12 -15.04
CA ILE D 83 21.36 17.86 -15.35
C ILE D 83 20.79 19.09 -16.04
N VAL D 84 21.10 20.28 -15.51
CA VAL D 84 20.65 21.55 -16.08
C VAL D 84 21.13 21.67 -17.53
N LYS D 85 22.43 21.52 -17.75
CA LYS D 85 23.01 21.56 -19.09
C LYS D 85 22.43 20.52 -20.03
N LEU D 86 22.22 19.31 -19.51
CA LEU D 86 21.61 18.24 -20.32
C LEU D 86 20.27 18.71 -20.92
N PHE D 87 19.39 19.22 -20.06
CA PHE D 87 18.07 19.69 -20.49
C PHE D 87 18.19 20.93 -21.39
N ASP D 88 19.12 21.83 -21.09
CA ASP D 88 19.33 23.01 -21.95
C ASP D 88 19.76 22.59 -23.36
N GLN D 89 20.64 21.60 -23.43
CA GLN D 89 21.14 21.11 -24.73
C GLN D 89 20.08 20.33 -25.49
N ALA D 90 19.23 19.63 -24.75
CA ALA D 90 18.10 18.91 -25.33
C ALA D 90 17.14 19.87 -26.04
N VAL D 91 16.75 20.94 -25.36
CA VAL D 91 15.84 21.94 -25.91
C VAL D 91 16.50 22.74 -27.05
N ALA D 92 17.78 23.08 -26.89
CA ALA D 92 18.52 23.77 -27.95
C ALA D 92 18.52 22.96 -29.26
N HIS D 93 18.71 21.65 -29.14
CA HIS D 93 18.84 20.80 -30.34
C HIS D 93 17.51 20.56 -31.03
N PHE D 94 16.49 20.17 -30.28
CA PHE D 94 15.20 19.87 -30.89
C PHE D 94 14.13 20.97 -30.80
N GLY D 95 14.38 22.04 -30.07
CA GLY D 95 13.44 23.18 -30.01
C GLY D 95 12.52 23.13 -28.80
N HIS D 96 12.16 21.93 -28.36
CA HIS D 96 11.28 21.77 -27.20
C HIS D 96 11.46 20.39 -26.66
N LEU D 97 10.94 20.16 -25.46
CA LEU D 97 10.97 18.85 -24.84
C LEU D 97 9.59 18.59 -24.22
N ASP D 98 9.05 17.39 -24.49
CA ASP D 98 7.72 16.99 -24.04
C ASP D 98 7.76 15.90 -22.98
N ILE D 99 8.76 15.03 -23.04
CA ILE D 99 8.79 13.79 -22.26
C ILE D 99 10.18 13.61 -21.66
N ALA D 100 10.23 13.38 -20.36
CA ALA D 100 11.48 13.12 -19.65
C ALA D 100 11.32 11.82 -18.88
N VAL D 101 12.15 10.83 -19.22
CA VAL D 101 12.15 9.56 -18.53
C VAL D 101 13.45 9.44 -17.77
N SER D 102 13.33 9.35 -16.45
CA SER D 102 14.46 9.24 -15.58
C SER D 102 14.67 7.77 -15.27
N ASN D 103 15.76 7.21 -15.81
CA ASN D 103 16.03 5.78 -15.78
C ASN D 103 17.38 5.41 -15.11
N SER D 104 18.35 6.30 -15.17
CA SER D 104 19.66 6.00 -14.62
C SER D 104 19.58 5.54 -13.16
N GLY D 105 20.30 4.47 -12.84
CA GLY D 105 20.38 3.98 -11.49
C GLY D 105 21.44 2.93 -11.30
N VAL D 106 21.79 2.71 -10.03
CA VAL D 106 22.74 1.68 -9.65
C VAL D 106 22.15 0.81 -8.56
N VAL D 107 22.60 -0.43 -8.52
CA VAL D 107 22.13 -1.39 -7.53
C VAL D 107 23.22 -1.55 -6.47
N SER D 108 22.82 -1.98 -5.28
CA SER D 108 23.77 -2.20 -4.16
C SER D 108 23.23 -3.33 -3.29
N PHE D 109 24.14 -4.09 -2.69
CA PHE D 109 23.84 -5.10 -1.72
C PHE D 109 24.82 -5.06 -0.55
N GLY D 110 24.31 -5.37 0.64
CA GLY D 110 25.11 -5.42 1.83
C GLY D 110 24.19 -5.41 3.04
N HIS D 111 24.54 -6.21 4.03
CA HIS D 111 23.93 -6.13 5.33
C HIS D 111 24.07 -4.73 5.87
N LEU D 112 23.01 -4.22 6.50
CA LEU D 112 23.03 -2.91 7.17
C LEU D 112 24.33 -2.63 7.93
N LYS D 113 24.82 -3.63 8.66
CA LYS D 113 25.99 -3.43 9.50
C LYS D 113 27.25 -3.01 8.73
N ASP D 114 27.28 -3.31 7.42
CA ASP D 114 28.48 -3.10 6.61
C ASP D 114 28.33 -1.96 5.61
N VAL D 115 27.19 -1.31 5.57
CA VAL D 115 27.02 -0.19 4.65
C VAL D 115 27.79 1.04 5.13
N THR D 116 28.57 1.62 4.22
CA THR D 116 29.41 2.79 4.49
C THR D 116 28.69 4.04 4.05
N GLU D 117 29.12 5.18 4.60
CA GLU D 117 28.69 6.51 4.14
C GLU D 117 28.83 6.66 2.63
N GLU D 118 29.98 6.21 2.13
CA GLU D 118 30.31 6.38 0.72
C GLU D 118 29.33 5.58 -0.15
N GLU D 119 28.97 4.39 0.28
CA GLU D 119 28.07 3.55 -0.49
C GLU D 119 26.67 4.13 -0.46
N PHE D 120 26.23 4.59 0.71
CA PHE D 120 24.97 5.33 0.79
C PHE D 120 24.95 6.48 -0.21
N ASP D 121 26.00 7.28 -0.21
CA ASP D 121 26.06 8.46 -1.08
C ASP D 121 26.14 8.05 -2.56
N ARG D 122 26.86 6.97 -2.88
CA ARG D 122 26.98 6.52 -4.27
C ARG D 122 25.61 6.16 -4.81
N VAL D 123 24.81 5.51 -3.99
CA VAL D 123 23.50 5.03 -4.40
C VAL D 123 22.46 6.13 -4.44
N PHE D 124 22.34 6.86 -3.33
CA PHE D 124 21.33 7.93 -3.22
C PHE D 124 21.60 9.11 -4.17
N SER D 125 22.85 9.46 -4.37
CA SER D 125 23.23 10.62 -5.25
C SER D 125 22.67 10.41 -6.66
N LEU D 126 22.59 9.16 -7.13
CA LEU D 126 22.03 8.90 -8.46
C LEU D 126 20.55 8.50 -8.43
N ASN D 127 20.24 7.44 -7.66
CA ASN D 127 18.90 6.87 -7.63
C ASN D 127 17.79 7.80 -7.12
N THR D 128 18.14 8.72 -6.22
CA THR D 128 17.15 9.48 -5.47
C THR D 128 17.33 10.98 -5.72
N ARG D 129 18.47 11.51 -5.34
CA ARG D 129 18.78 12.91 -5.57
C ARG D 129 18.79 13.21 -7.05
N GLY D 130 19.50 12.40 -7.83
CA GLY D 130 19.59 12.61 -9.28
C GLY D 130 18.23 12.61 -9.92
N GLN D 131 17.42 11.61 -9.59
CA GLN D 131 16.07 11.55 -10.13
C GLN D 131 15.24 12.76 -9.73
N PHE D 132 15.42 13.23 -8.50
CA PHE D 132 14.68 14.39 -8.01
C PHE D 132 14.96 15.61 -8.91
N PHE D 133 16.22 15.86 -9.18
CA PHE D 133 16.61 17.03 -9.95
C PHE D 133 16.42 16.87 -11.47
N VAL D 134 16.38 15.64 -11.96
CA VAL D 134 15.92 15.39 -13.31
C VAL D 134 14.44 15.78 -13.41
N ALA D 135 13.65 15.42 -12.41
CA ALA D 135 12.24 15.86 -12.36
C ALA D 135 12.16 17.38 -12.33
N ARG D 136 12.99 18.03 -11.50
CA ARG D 136 12.94 19.48 -11.37
C ARG D 136 13.24 20.12 -12.71
N GLU D 137 14.33 19.70 -13.34
CA GLU D 137 14.69 20.28 -14.62
C GLU D 137 13.68 19.91 -15.70
N ALA D 138 13.10 18.72 -15.63
CA ALA D 138 12.05 18.35 -16.57
C ALA D 138 10.85 19.30 -16.41
N TYR D 139 10.42 19.57 -15.19
CA TYR D 139 9.31 20.49 -14.98
C TYR D 139 9.63 21.86 -15.59
N ARG D 140 10.84 22.37 -15.34
CA ARG D 140 11.21 23.72 -15.83
C ARG D 140 11.30 23.80 -17.35
N HIS D 141 11.67 22.70 -18.01
CA HIS D 141 11.95 22.73 -19.46
C HIS D 141 10.83 22.20 -20.29
N LEU D 142 9.93 21.43 -19.70
CA LEU D 142 8.89 20.74 -20.49
C LEU D 142 7.83 21.69 -21.00
N THR D 143 7.30 21.33 -22.15
CA THR D 143 6.10 21.96 -22.68
C THR D 143 4.86 21.51 -21.89
N GLU D 144 3.85 22.38 -21.85
CA GLU D 144 2.57 22.04 -21.22
C GLU D 144 1.99 20.76 -21.81
N GLY D 145 1.41 19.93 -20.95
CA GLY D 145 0.83 18.66 -21.39
C GLY D 145 1.87 17.56 -21.47
N GLY D 146 3.04 17.82 -20.91
CA GLY D 146 4.15 16.88 -20.95
C GLY D 146 4.03 15.69 -20.00
N ARG D 147 5.13 14.95 -19.89
CA ARG D 147 5.16 13.67 -19.18
C ARG D 147 6.50 13.47 -18.49
N ILE D 148 6.48 13.12 -17.21
CA ILE D 148 7.69 12.76 -16.48
C ILE D 148 7.46 11.35 -15.95
N VAL D 149 8.41 10.44 -16.17
CA VAL D 149 8.36 9.09 -15.62
C VAL D 149 9.72 8.80 -14.94
N LEU D 150 9.68 8.47 -13.64
CA LEU D 150 10.87 8.07 -12.88
C LEU D 150 10.90 6.56 -12.73
N THR D 151 12.02 6.03 -12.29
CA THR D 151 12.19 4.57 -12.17
C THR D 151 12.39 4.20 -10.71
N SER D 152 11.50 3.35 -10.22
CA SER D 152 11.57 2.81 -8.88
C SER D 152 12.01 1.37 -9.01
N SER D 153 11.43 0.48 -8.20
CA SER D 153 11.79 -0.94 -8.20
C SER D 153 10.72 -1.70 -7.44
N ASN D 154 10.51 -2.97 -7.78
CA ASN D 154 9.61 -3.79 -6.98
C ASN D 154 10.12 -3.96 -5.54
N THR D 155 11.41 -3.70 -5.31
CA THR D 155 11.99 -3.87 -3.96
C THR D 155 11.69 -2.70 -3.02
N SER D 156 11.15 -1.64 -3.56
CA SER D 156 10.67 -0.52 -2.79
C SER D 156 9.56 -0.93 -1.80
N LYS D 157 8.55 -1.62 -2.30
CA LYS D 157 7.38 -2.02 -1.50
C LYS D 157 7.01 -3.49 -1.63
N ASP D 158 7.14 -4.06 -2.82
CA ASP D 158 6.47 -5.32 -3.14
C ASP D 158 7.32 -6.55 -2.91
N PHE D 159 8.63 -6.40 -2.85
CA PHE D 159 9.55 -7.51 -2.80
C PHE D 159 10.57 -7.20 -1.72
N SER D 160 10.80 -8.14 -0.81
CA SER D 160 11.72 -7.94 0.30
C SER D 160 12.92 -8.84 0.15
N VAL D 161 14.09 -8.25 -0.02
CA VAL D 161 15.32 -8.99 -0.18
C VAL D 161 16.28 -8.65 0.94
N PRO D 162 16.77 -9.67 1.66
CA PRO D 162 17.81 -9.39 2.65
C PRO D 162 18.99 -8.66 2.03
N LYS D 163 19.62 -7.81 2.82
CA LYS D 163 20.85 -7.12 2.43
C LYS D 163 20.64 -6.11 1.29
N HIS D 164 19.41 -5.63 1.17
CA HIS D 164 19.02 -4.80 0.05
C HIS D 164 18.37 -3.53 0.56
N SER D 165 18.67 -3.15 1.79
CA SER D 165 17.96 -2.03 2.43
C SER D 165 18.28 -0.68 1.76
N LEU D 166 19.54 -0.45 1.44
CA LEU D 166 19.97 0.83 0.85
C LEU D 166 19.27 1.10 -0.46
N TYR D 167 19.32 0.12 -1.36
CA TYR D 167 18.72 0.27 -2.68
C TYR D 167 17.21 0.39 -2.55
N SER D 168 16.61 -0.47 -1.75
CA SER D 168 15.15 -0.46 -1.56
C SER D 168 14.66 0.92 -1.12
N GLY D 169 15.34 1.50 -0.15
CA GLY D 169 15.01 2.84 0.30
C GLY D 169 15.22 3.92 -0.75
N SER D 170 16.25 3.78 -1.59
CA SER D 170 16.54 4.78 -2.60
C SER D 170 15.37 4.87 -3.55
N LYS D 171 14.72 3.75 -3.80
CA LYS D 171 13.56 3.72 -4.67
C LYS D 171 12.24 4.00 -3.93
N GLY D 172 12.18 3.72 -2.63
CA GLY D 172 11.02 4.07 -1.83
C GLY D 172 10.80 5.58 -1.82
N ALA D 173 11.90 6.34 -1.77
CA ALA D 173 11.80 7.80 -1.86
C ALA D 173 11.16 8.23 -3.16
N VAL D 174 11.49 7.56 -4.26
CA VAL D 174 10.97 7.91 -5.58
C VAL D 174 9.45 7.72 -5.65
N ASP D 175 8.97 6.63 -5.07
CA ASP D 175 7.52 6.36 -5.04
C ASP D 175 6.76 7.53 -4.42
N SER D 176 7.27 8.01 -3.29
CA SER D 176 6.72 9.15 -2.64
C SER D 176 6.86 10.42 -3.48
N PHE D 177 8.05 10.66 -4.04
CA PHE D 177 8.29 11.83 -4.88
C PHE D 177 7.21 11.98 -5.96
N VAL D 178 6.92 10.89 -6.69
CA VAL D 178 6.09 11.00 -7.87
C VAL D 178 4.67 11.36 -7.54
N ARG D 179 4.18 10.86 -6.41
CA ARG D 179 2.82 11.17 -5.97
C ARG D 179 2.66 12.68 -5.70
N ILE D 180 3.67 13.30 -5.09
CA ILE D 180 3.59 14.72 -4.78
C ILE D 180 4.03 15.57 -5.99
N PHE D 181 5.01 15.10 -6.75
CA PHE D 181 5.38 15.79 -8.00
C PHE D 181 4.16 16.01 -8.86
N SER D 182 3.26 15.03 -8.90
CA SER D 182 2.09 15.16 -9.75
C SER D 182 1.24 16.36 -9.33
N LYS D 183 1.27 16.70 -8.04
CA LYS D 183 0.49 17.84 -7.56
C LYS D 183 1.12 19.15 -8.04
N ASP D 184 2.43 19.29 -7.87
CA ASP D 184 3.13 20.48 -8.32
C ASP D 184 3.14 20.63 -9.86
N CYS D 185 3.39 19.54 -10.56
CA CYS D 185 3.56 19.57 -12.02
C CYS D 185 2.25 19.78 -12.77
N GLY D 186 1.14 19.60 -12.07
CA GLY D 186 -0.17 19.86 -12.63
C GLY D 186 -0.39 21.29 -13.07
N ASP D 187 0.36 22.26 -12.56
CA ASP D 187 0.14 23.62 -13.04
C ASP D 187 0.70 23.82 -14.46
N LYS D 188 1.41 22.83 -15.00
CA LYS D 188 1.75 22.80 -16.42
C LYS D 188 1.10 21.61 -17.13
N LYS D 189 0.10 21.02 -16.48
CA LYS D 189 -0.57 19.83 -17.00
C LYS D 189 0.41 18.70 -17.36
N ILE D 190 1.47 18.59 -16.57
CA ILE D 190 2.45 17.54 -16.78
C ILE D 190 2.10 16.41 -15.81
N THR D 191 1.97 15.18 -16.31
CA THR D 191 1.76 14.04 -15.41
C THR D 191 3.13 13.51 -14.99
N VAL D 192 3.16 12.88 -13.82
CA VAL D 192 4.37 12.33 -13.27
C VAL D 192 4.04 10.97 -12.70
N ASN D 193 4.78 9.95 -13.13
CA ASN D 193 4.60 8.57 -12.64
C ASN D 193 5.94 7.88 -12.45
N ALA D 194 5.94 6.68 -11.90
CA ALA D 194 7.16 5.87 -11.88
C ALA D 194 6.83 4.47 -12.31
N VAL D 195 7.79 3.80 -12.94
CA VAL D 195 7.71 2.39 -13.20
C VAL D 195 8.63 1.72 -12.22
N ALA D 196 8.21 0.59 -11.68
CA ALA D 196 8.96 -0.16 -10.67
C ALA D 196 9.18 -1.56 -11.19
N PRO D 197 10.22 -1.75 -12.00
CA PRO D 197 10.41 -3.10 -12.54
C PRO D 197 10.81 -4.09 -11.48
N GLY D 198 10.43 -5.34 -11.70
CA GLY D 198 11.06 -6.46 -11.03
C GLY D 198 12.29 -6.88 -11.82
N GLY D 199 12.77 -8.09 -11.57
CA GLY D 199 13.94 -8.62 -12.24
C GLY D 199 13.78 -8.56 -13.74
N THR D 200 14.61 -7.75 -14.38
CA THR D 200 14.57 -7.51 -15.81
C THR D 200 15.99 -7.79 -16.30
N VAL D 201 16.10 -8.69 -17.28
CA VAL D 201 17.43 -9.17 -17.73
C VAL D 201 18.21 -8.07 -18.47
N THR D 202 19.22 -7.55 -17.78
CA THR D 202 20.12 -6.49 -18.26
C THR D 202 21.46 -6.83 -17.63
N ASP D 203 22.45 -5.94 -17.79
CA ASP D 203 23.74 -6.10 -17.09
C ASP D 203 23.56 -6.10 -15.58
N MET D 204 22.68 -5.24 -15.06
CA MET D 204 22.38 -5.21 -13.62
C MET D 204 21.84 -6.56 -13.10
N PHE D 205 21.02 -7.24 -13.90
CA PHE D 205 20.47 -8.54 -13.53
C PHE D 205 21.60 -9.54 -13.28
N HIS D 206 22.51 -9.66 -14.23
CA HIS D 206 23.56 -10.68 -14.17
C HIS D 206 24.62 -10.31 -13.18
N GLU D 207 24.74 -9.02 -12.89
CA GLU D 207 25.64 -8.56 -11.84
C GLU D 207 25.31 -9.25 -10.52
N VAL D 208 24.01 -9.23 -10.17
CA VAL D 208 23.60 -9.43 -8.79
C VAL D 208 22.54 -10.50 -8.54
N SER D 209 22.21 -11.30 -9.55
CA SER D 209 21.14 -12.31 -9.44
C SER D 209 21.38 -13.34 -8.31
N HIS D 210 22.63 -13.56 -7.97
CA HIS D 210 22.97 -14.45 -6.87
C HIS D 210 22.60 -13.93 -5.49
N HIS D 211 22.36 -12.63 -5.34
CA HIS D 211 21.92 -12.05 -4.05
C HIS D 211 20.47 -12.30 -3.74
N TYR D 212 19.65 -12.62 -4.74
CA TYR D 212 18.22 -12.81 -4.56
C TYR D 212 17.83 -14.27 -4.28
N ILE D 213 18.80 -15.19 -4.30
CA ILE D 213 18.52 -16.62 -4.15
C ILE D 213 19.38 -17.20 -3.04
N PRO D 214 18.80 -18.09 -2.20
CA PRO D 214 19.64 -18.74 -1.18
C PRO D 214 20.75 -19.54 -1.85
N ASN D 215 21.98 -19.40 -1.34
CA ASN D 215 23.14 -20.03 -1.96
C ASN D 215 23.26 -19.73 -3.45
N GLY D 216 22.88 -18.50 -3.84
CA GLY D 216 22.84 -18.10 -5.25
C GLY D 216 24.11 -18.37 -6.00
N THR D 217 25.25 -18.18 -5.32
CA THR D 217 26.57 -18.41 -5.91
C THR D 217 26.82 -19.85 -6.38
N SER D 218 26.15 -20.84 -5.79
CA SER D 218 26.36 -22.24 -6.21
C SER D 218 25.50 -22.66 -7.43
N TYR D 219 24.72 -21.73 -7.99
CA TYR D 219 24.04 -21.94 -9.27
C TYR D 219 24.76 -21.17 -10.38
N THR D 220 24.57 -21.62 -11.61
CA THR D 220 25.06 -20.86 -12.78
C THR D 220 24.19 -19.64 -13.01
N ALA D 221 24.72 -18.66 -13.74
CA ALA D 221 23.97 -17.51 -14.17
C ALA D 221 22.65 -17.91 -14.87
N GLU D 222 22.73 -18.89 -15.77
CA GLU D 222 21.58 -19.35 -16.57
C GLU D 222 20.51 -19.87 -15.62
N GLN D 223 20.91 -20.74 -14.68
CA GLN D 223 20.01 -21.26 -13.65
C GLN D 223 19.32 -20.15 -12.83
N ARG D 224 20.10 -19.20 -12.37
CA ARG D 224 19.56 -18.09 -11.59
C ARG D 224 18.52 -17.32 -12.41
N GLN D 225 18.79 -17.13 -13.70
CA GLN D 225 17.84 -16.45 -14.58
C GLN D 225 16.55 -17.25 -14.74
N GLN D 226 16.69 -18.58 -14.86
CA GLN D 226 15.56 -19.49 -14.97
C GLN D 226 14.71 -19.42 -13.72
N MET D 227 15.34 -19.38 -12.56
CA MET D 227 14.59 -19.30 -11.30
C MET D 227 13.82 -17.98 -11.17
N ALA D 228 14.42 -16.89 -11.64
CA ALA D 228 13.72 -15.59 -11.67
C ALA D 228 12.53 -15.66 -12.63
N ALA D 229 12.67 -16.41 -13.71
CA ALA D 229 11.59 -16.61 -14.68
C ALA D 229 10.38 -17.23 -13.98
N HIS D 230 10.63 -18.23 -13.14
CA HIS D 230 9.55 -18.96 -12.50
C HIS D 230 8.93 -18.24 -11.33
N ALA D 231 9.48 -17.10 -10.93
CA ALA D 231 8.85 -16.26 -9.92
C ALA D 231 7.63 -15.49 -10.50
N SER D 232 7.59 -15.32 -11.83
CA SER D 232 6.38 -14.83 -12.47
C SER D 232 5.48 -16.00 -12.78
N PRO D 233 4.16 -15.84 -12.56
CA PRO D 233 3.23 -16.89 -12.93
C PRO D 233 3.14 -17.08 -14.45
N LEU D 234 3.71 -16.16 -15.23
CA LEU D 234 3.83 -16.35 -16.68
C LEU D 234 5.08 -17.18 -17.07
N HIS D 235 5.93 -17.53 -16.09
CA HIS D 235 7.09 -18.41 -16.32
C HIS D 235 8.01 -17.90 -17.41
N ARG D 236 8.35 -16.63 -17.32
CA ARG D 236 9.36 -16.04 -18.19
C ARG D 236 9.97 -14.86 -17.46
N ASN D 237 11.10 -14.40 -17.95
CA ASN D 237 11.76 -13.27 -17.36
C ASN D 237 11.12 -11.99 -17.86
N GLY D 238 11.30 -10.93 -17.09
CA GLY D 238 11.10 -9.56 -17.59
C GLY D 238 12.27 -9.17 -18.48
N TRP D 239 11.98 -8.36 -19.49
CA TRP D 239 12.95 -7.89 -20.47
C TRP D 239 12.83 -6.40 -20.59
N PRO D 240 13.88 -5.72 -21.07
CA PRO D 240 13.77 -4.25 -21.20
C PRO D 240 12.53 -3.81 -21.98
N GLN D 241 12.16 -4.57 -23.01
CA GLN D 241 11.00 -4.22 -23.81
C GLN D 241 9.69 -4.17 -23.00
N ASP D 242 9.59 -4.99 -21.96
CA ASP D 242 8.40 -5.01 -21.12
C ASP D 242 8.22 -3.67 -20.42
N VAL D 243 9.32 -3.12 -19.91
CA VAL D 243 9.29 -1.82 -19.24
C VAL D 243 9.06 -0.69 -20.27
N ALA D 244 9.72 -0.80 -21.41
CA ALA D 244 9.56 0.18 -22.50
C ALA D 244 8.13 0.29 -22.95
N ASN D 245 7.46 -0.85 -23.11
CA ASN D 245 6.04 -0.87 -23.50
C ASN D 245 5.19 -0.01 -22.56
N VAL D 246 5.44 -0.12 -21.26
CA VAL D 246 4.63 0.58 -20.28
C VAL D 246 4.97 2.07 -20.23
N VAL D 247 6.28 2.39 -20.29
CA VAL D 247 6.68 3.78 -20.29
C VAL D 247 6.05 4.48 -21.50
N GLY D 248 6.12 3.83 -22.65
CA GLY D 248 5.49 4.31 -23.87
C GLY D 248 4.02 4.67 -23.69
N PHE D 249 3.26 3.82 -23.04
CA PHE D 249 1.86 4.13 -22.75
C PHE D 249 1.74 5.32 -21.80
N LEU D 250 2.53 5.34 -20.73
CA LEU D 250 2.37 6.39 -19.72
C LEU D 250 2.60 7.75 -20.32
N VAL D 251 3.57 7.83 -21.23
CA VAL D 251 3.95 9.09 -21.83
C VAL D 251 3.10 9.50 -23.05
N SER D 252 2.19 8.61 -23.47
CA SER D 252 1.28 8.90 -24.56
C SER D 252 0.15 9.76 -24.09
N LYS D 253 -0.61 10.28 -25.04
CA LYS D 253 -1.83 11.00 -24.71
C LYS D 253 -2.78 10.12 -23.88
N GLU D 254 -2.92 8.87 -24.30
CA GLU D 254 -3.85 7.94 -23.68
C GLU D 254 -3.53 7.55 -22.23
N GLY D 255 -2.30 7.81 -21.79
CA GLY D 255 -1.90 7.52 -20.41
C GLY D 255 -2.19 8.62 -19.41
N GLU D 256 -2.85 9.69 -19.85
CA GLU D 256 -2.95 10.91 -19.06
C GLU D 256 -3.55 10.71 -17.68
N TRP D 257 -4.56 9.84 -17.61
CA TRP D 257 -5.28 9.69 -16.37
C TRP D 257 -4.57 8.83 -15.37
N VAL D 258 -3.45 8.25 -15.77
CA VAL D 258 -2.52 7.65 -14.83
C VAL D 258 -1.54 8.74 -14.48
N ASN D 259 -1.61 9.20 -13.24
CA ASN D 259 -0.85 10.35 -12.81
C ASN D 259 -0.60 10.24 -11.33
N GLY D 260 0.65 10.47 -10.94
CA GLY D 260 1.04 10.33 -9.54
C GLY D 260 1.20 8.90 -9.04
N LYS D 261 1.35 7.93 -9.95
CA LYS D 261 1.28 6.51 -9.57
C LYS D 261 2.60 5.82 -9.78
N VAL D 262 2.80 4.73 -9.05
CA VAL D 262 3.93 3.83 -9.27
C VAL D 262 3.40 2.50 -9.73
N LEU D 263 3.84 2.04 -10.90
CA LEU D 263 3.34 0.78 -11.46
C LEU D 263 4.43 -0.26 -11.38
N THR D 264 4.18 -1.31 -10.61
CA THR D 264 5.13 -2.38 -10.47
C THR D 264 5.02 -3.30 -11.68
N LEU D 265 6.16 -3.59 -12.31
CA LEU D 265 6.21 -4.36 -13.57
C LEU D 265 7.08 -5.61 -13.37
N ASP D 266 6.44 -6.67 -12.87
CA ASP D 266 7.12 -7.89 -12.51
C ASP D 266 6.43 -9.13 -13.05
N GLY D 267 5.57 -8.96 -14.05
CA GLY D 267 4.85 -10.08 -14.64
C GLY D 267 3.96 -10.86 -13.68
N GLY D 268 3.54 -10.20 -12.59
CA GLY D 268 2.69 -10.85 -11.58
C GLY D 268 3.40 -11.60 -10.47
N ALA D 269 4.71 -11.37 -10.30
CA ALA D 269 5.47 -12.03 -9.23
C ALA D 269 4.93 -11.71 -7.84
N ALA D 270 4.65 -10.44 -7.60
CA ALA D 270 4.25 -9.98 -6.26
C ALA D 270 2.88 -10.60 -5.88
PA NAP E . -9.34 -21.55 13.94
O1A NAP E . -9.93 -22.43 12.88
O2A NAP E . -8.24 -22.04 14.83
O5B NAP E . -10.58 -21.04 14.84
C5B NAP E . -11.72 -20.50 14.19
C4B NAP E . -12.64 -19.75 15.16
O4B NAP E . -13.70 -19.14 14.41
C3B NAP E . -13.27 -20.66 16.17
O3B NAP E . -13.32 -20.01 17.43
C2B NAP E . -14.69 -20.84 15.67
O2B NAP E . -15.69 -21.13 16.67
C1B NAP E . -14.92 -19.50 15.03
N9A NAP E . -16.03 -19.68 14.09
C8A NAP E . -16.06 -20.48 12.99
N7A NAP E . -17.28 -20.44 12.42
C5A NAP E . -18.05 -19.62 13.17
C6A NAP E . -19.42 -19.14 13.13
N6A NAP E . -20.26 -19.54 12.14
N1A NAP E . -19.82 -18.31 14.13
C2A NAP E . -19.00 -17.93 15.13
N3A NAP E . -17.72 -18.31 15.22
C4A NAP E . -17.20 -19.15 14.28
O3 NAP E . -8.84 -20.17 13.26
PN NAP E . -7.86 -19.07 13.93
O1N NAP E . -8.15 -18.96 15.39
O2N NAP E . -6.46 -19.26 13.39
O5D NAP E . -8.32 -17.70 13.24
C5D NAP E . -9.03 -16.62 13.83
C4D NAP E . -9.05 -15.49 12.81
O4D NAP E . -7.72 -15.26 12.36
C3D NAP E . -9.86 -15.83 11.57
O3D NAP E . -10.63 -14.68 11.18
C2D NAP E . -8.83 -16.11 10.50
O2D NAP E . -9.32 -15.79 9.20
C1D NAP E . -7.67 -15.25 10.94
N1N NAP E . -6.33 -15.68 10.50
C2N NAP E . -5.72 -16.80 10.96
C3N NAP E . -4.44 -17.17 10.53
C7N NAP E . -3.70 -18.38 11.00
O7N NAP E . -2.65 -18.65 10.43
N7N NAP E . -4.15 -19.16 12.00
C4N NAP E . -3.78 -16.36 9.63
C5N NAP E . -4.42 -15.21 9.16
C6N NAP E . -5.68 -14.89 9.63
P2B NAP E . -16.37 -22.57 16.90
O1X NAP E . -17.29 -22.38 18.09
O2X NAP E . -15.24 -23.50 17.15
O3X NAP E . -17.14 -22.80 15.59
S DMS F . 3.44 -16.94 6.25
O DMS F . 2.44 -16.17 7.05
C1 DMS F . 4.60 -15.83 5.64
C2 DMS F . 4.40 -17.92 7.26
S DMS G . 4.36 -19.13 -1.27
O DMS G . 4.02 -20.30 -0.43
C1 DMS G . 5.94 -18.59 -0.91
C2 DMS G . 4.56 -19.63 -2.90
S DMS H . -28.19 -16.43 19.80
O DMS H . -27.12 -15.70 19.11
C1 DMS H . -28.49 -15.56 21.24
C2 DMS H . -29.67 -16.34 18.95
PA NAP I . -23.12 3.41 -14.03
O1A NAP I . -24.09 3.28 -12.87
O2A NAP I . -23.22 4.57 -14.95
O5B NAP I . -23.26 2.09 -14.90
C5B NAP I . -23.53 0.85 -14.25
C4B NAP I . -23.26 -0.27 -15.23
O4B NAP I . -23.30 -1.52 -14.54
C3B NAP I . -24.30 -0.33 -16.35
O3B NAP I . -23.72 -0.74 -17.60
C2B NAP I . -25.28 -1.37 -15.86
O2B NAP I . -26.01 -1.99 -16.90
C1B NAP I . -24.31 -2.32 -15.18
N9A NAP I . -25.09 -3.17 -14.25
C8A NAP I . -25.80 -2.76 -13.20
N7A NAP I . -26.40 -3.81 -12.61
C5A NAP I . -26.06 -4.91 -13.30
C6A NAP I . -26.35 -6.35 -13.20
N6A NAP I . -27.14 -6.79 -12.21
N1A NAP I . -25.81 -7.17 -14.12
C2A NAP I . -25.01 -6.69 -15.11
N3A NAP I . -24.70 -5.40 -15.25
C4A NAP I . -25.19 -4.49 -14.38
O3 NAP I . -21.64 3.17 -13.42
PN NAP I . -20.17 3.55 -14.04
O1N NAP I . -20.18 3.26 -15.51
O2N NAP I . -19.73 4.92 -13.59
O5D NAP I . -19.33 2.50 -13.19
C5D NAP I . -18.89 1.25 -13.75
C4D NAP I . -17.88 0.69 -12.80
O4D NAP I . -16.91 1.69 -12.42
C3D NAP I . -18.55 0.19 -11.54
O3D NAP I . -17.92 -1.07 -11.19
C2D NAP I . -18.23 1.23 -10.51
O2D NAP I . -18.12 0.64 -9.21
C1D NAP I . -16.86 1.73 -10.98
N1N NAP I . -16.51 3.06 -10.45
C2N NAP I . -17.12 4.18 -10.93
C3N NAP I . -16.79 5.43 -10.43
C7N NAP I . -17.41 6.71 -10.95
O7N NAP I . -17.17 7.75 -10.33
N7N NAP I . -18.18 6.77 -12.07
C4N NAP I . -15.82 5.51 -9.42
C5N NAP I . -15.21 4.36 -8.97
C6N NAP I . -15.58 3.14 -9.50
P2B NAP I . -27.61 -1.95 -17.00
O1X NAP I . -27.86 -2.78 -18.23
O2X NAP I . -28.03 -0.49 -17.16
O3X NAP I . -28.16 -2.66 -15.79
C1 GEN J . -19.01 10.53 -7.61
C2 GEN J . -18.55 9.22 -7.81
O2 GEN J . -19.41 8.28 -8.31
C3 GEN J . -17.22 8.86 -7.50
C4 GEN J . -16.33 9.79 -6.98
O4 GEN J . -15.06 9.45 -6.68
C5 GEN J . -16.77 11.18 -6.74
C6 GEN J . -15.91 12.26 -6.18
O6 GEN J . -14.72 12.06 -5.89
C7 GEN J . -16.52 13.58 -6.01
C8 GEN J . -17.87 13.75 -6.37
O9 GEN J . -18.62 12.78 -6.88
C10 GEN J . -18.17 11.51 -7.07
C11 GEN J . -15.78 14.74 -5.40
C12 GEN J . -16.16 16.04 -5.71
C13 GEN J . -15.52 17.09 -5.09
C14 GEN J . -14.51 16.89 -4.16
O14 GEN J . -13.92 17.98 -3.60
C15 GEN J . -14.13 15.59 -3.83
C16 GEN J . -14.79 14.52 -4.43
S DMS K . -11.34 11.92 -7.12
O DMS K . -11.96 10.58 -7.35
C1 DMS K . -12.27 13.07 -7.98
C2 DMS K . -11.55 12.43 -5.52
S DMS L . 0.11 0.83 -27.63
O DMS L . -0.28 1.84 -26.59
C1 DMS L . 1.51 1.27 -28.53
C2 DMS L . 0.70 -0.58 -26.84
PA NAP M . 10.46 19.23 16.28
O1A NAP M . 10.91 20.16 15.18
O2A NAP M . 9.66 19.70 17.43
O5B NAP M . 11.73 18.47 16.84
C5B NAP M . 12.90 18.25 16.04
C4B NAP M . 13.83 17.32 16.82
O4B NAP M . 14.89 16.83 15.99
C3B NAP M . 14.44 18.07 18.01
O3B NAP M . 14.38 17.26 19.21
C2B NAP M . 15.84 18.41 17.47
O2B NAP M . 16.85 18.61 18.46
C1B NAP M . 16.13 17.21 16.57
N9A NAP M . 17.12 17.62 15.54
C8A NAP M . 17.03 18.59 14.61
N7A NAP M . 18.20 18.63 13.91
C5A NAP M . 19.03 17.69 14.41
C6A NAP M . 20.39 17.18 14.17
N6A NAP M . 21.20 17.66 13.22
N1A NAP M . 20.84 16.17 14.95
C2A NAP M . 20.12 15.64 15.92
N3A NAP M . 18.88 16.07 16.19
C4A NAP M . 18.31 17.04 15.48
O3 NAP M . 9.68 18.07 15.48
PN NAP M . 8.83 16.81 16.00
O1N NAP M . 9.19 16.35 17.41
O2N NAP M . 7.40 17.10 15.63
O5D NAP M . 9.39 15.73 14.98
C5D NAP M . 10.08 14.56 15.38
C4D NAP M . 9.97 13.58 14.22
O4D NAP M . 8.59 13.39 13.90
C3D NAP M . 10.66 14.14 12.98
O3D NAP M . 11.44 13.14 12.32
C2D NAP M . 9.51 14.55 12.10
O2D NAP M . 9.87 14.50 10.73
C1D NAP M . 8.45 13.52 12.49
N1N NAP M . 7.10 13.96 12.14
C2N NAP M . 6.48 14.95 12.81
C3N NAP M . 5.18 15.35 12.44
C7N NAP M . 4.45 16.45 13.16
O7N NAP M . 3.31 16.74 12.82
N7N NAP M . 5.02 17.09 14.20
C4N NAP M . 4.55 14.72 11.38
C5N NAP M . 5.22 13.71 10.70
C6N NAP M . 6.50 13.34 11.09
P2B NAP M . 17.60 20.02 18.67
O1X NAP M . 18.50 19.79 19.86
O2X NAP M . 16.53 21.03 18.95
O3X NAP M . 18.35 20.32 17.39
S DMS N . -3.61 15.45 9.07
O DMS N . -2.79 14.42 9.77
C1 DMS N . -2.62 16.75 8.54
C2 DMS N . -4.25 14.85 7.61
S DMS O . 12.64 -5.29 25.15
O DMS O . 12.31 -5.70 26.54
C1 DMS O . 14.33 -5.24 24.80
C2 DMS O . 12.20 -6.60 24.16
S DMS P . 14.64 26.00 -1.77
O DMS P . 15.49 26.47 -0.64
C1 DMS P . 13.51 24.80 -1.28
C2 DMS P . 13.56 27.28 -2.15
PA NAP Q . 22.05 -1.18 -15.91
O1A NAP Q . 23.09 -1.32 -14.82
O2A NAP Q . 21.95 -2.18 -17.00
O5B NAP Q . 22.28 0.25 -16.62
C5B NAP Q . 22.29 1.43 -15.84
C4B NAP Q . 22.01 2.63 -16.72
O4B NAP Q . 22.09 3.78 -15.85
C3B NAP Q . 23.05 2.80 -17.82
O3B NAP Q . 22.52 3.37 -19.00
C2B NAP Q . 24.04 3.80 -17.24
O2B NAP Q . 24.71 4.59 -18.21
C1B NAP Q . 23.11 4.63 -16.37
N9A NAP Q . 23.97 5.26 -15.38
C8A NAP Q . 24.76 4.69 -14.43
N7A NAP Q . 25.41 5.67 -13.77
C5A NAP Q . 25.03 6.88 -14.27
C6A NAP Q . 25.30 8.33 -14.07
N6A NAP Q . 26.15 8.77 -13.13
N1A NAP Q . 24.67 9.23 -14.85
C2A NAP Q . 23.80 8.86 -15.81
N3A NAP Q . 23.51 7.58 -16.06
C4A NAP Q . 24.09 6.58 -15.35
O3 NAP Q . 20.61 -0.95 -15.17
PN NAP Q . 19.18 -1.42 -15.74
O1N NAP Q . 19.00 -0.98 -17.18
O2N NAP Q . 19.00 -2.86 -15.38
O5D NAP Q . 18.19 -0.56 -14.83
C5D NAP Q . 17.70 0.72 -15.22
C4D NAP Q . 16.84 1.26 -14.11
O4D NAP Q . 15.84 0.32 -13.68
C3D NAP Q . 17.67 1.58 -12.88
O3D NAP Q . 17.18 2.81 -12.31
C2D NAP Q . 17.40 0.40 -11.96
O2D NAP Q . 17.62 0.81 -10.62
C1D NAP Q . 15.95 0.01 -12.29
N1N NAP Q . 15.63 -1.42 -11.98
C2N NAP Q . 16.18 -2.42 -12.71
C3N NAP Q . 15.91 -3.76 -12.42
C7N NAP Q . 16.52 -4.88 -13.24
O7N NAP Q . 16.27 -6.02 -12.89
N7N NAP Q . 17.33 -4.64 -14.30
C4N NAP Q . 15.04 -4.08 -11.34
C5N NAP Q . 14.48 -3.04 -10.61
C6N NAP Q . 14.79 -1.72 -10.95
P2B NAP Q . 26.32 4.54 -18.47
O1X NAP Q . 26.53 5.46 -19.64
O2X NAP Q . 26.62 3.11 -18.77
O3X NAP Q . 26.87 5.03 -17.15
C1 GEN R . 18.52 -9.34 -10.41
C2 GEN R . 18.10 -8.00 -10.46
O2 GEN R . 18.97 -7.03 -10.92
C3 GEN R . 16.79 -7.64 -10.07
C4 GEN R . 15.89 -8.59 -9.59
O4 GEN R . 14.62 -8.26 -9.20
C5 GEN R . 16.32 -10.02 -9.50
C6 GEN R . 15.45 -11.14 -9.03
O6 GEN R . 14.28 -10.91 -8.68
C7 GEN R . 16.01 -12.52 -8.99
C8 GEN R . 17.33 -12.64 -9.42
O9 GEN R . 18.08 -11.61 -9.86
C10 GEN R . 17.68 -10.34 -9.94
C11 GEN R . 15.26 -13.73 -8.47
C12 GEN R . 15.68 -15.04 -8.74
C13 GEN R . 14.99 -16.15 -8.21
C14 GEN R . 13.88 -15.97 -7.38
O14 GEN R . 13.21 -17.05 -6.88
C15 GEN R . 13.47 -14.68 -7.08
C16 GEN R . 14.16 -13.59 -7.60
S DMS S . 10.85 -10.74 -9.46
O DMS S . 11.67 -9.50 -9.38
C1 DMS S . 11.64 -11.92 -10.41
C2 DMS S . 10.74 -11.44 -7.90
S DMS T . 26.97 18.07 -19.72
O DMS T . 26.75 19.02 -20.84
C1 DMS T . 27.97 18.79 -18.53
C2 DMS T . 25.47 17.88 -18.93
S DMS U . 18.66 -14.92 0.29
O DMS U . 19.77 -15.12 -0.67
C1 DMS U . 19.32 -13.95 1.53
C2 DMS U . 17.44 -13.95 -0.42
S DMS V . 8.90 25.87 -21.30
O DMS V . 10.01 26.61 -20.65
C1 DMS V . 7.39 26.42 -20.73
C2 DMS V . 8.86 26.36 -22.94
#